data_5M8C
#
_entry.id   5M8C
#
_cell.length_a   56.220
_cell.length_b   100.140
_cell.length_c   65.340
_cell.angle_alpha   90.000
_cell.angle_beta   92.330
_cell.angle_gamma   90.000
#
_symmetry.space_group_name_H-M   'P 1 21 1'
#
loop_
_entity.id
_entity.type
_entity.pdbx_description
1 polymer 'Pre-mRNA-processing factor 19'
2 water water
#
_entity_poly.entity_id   1
_entity_poly.type   'polypeptide(L)'
_entity_poly.pdbx_seq_one_letter_code
;AVAITREEFLQGLLQSSRDFVARGKLKAPKWPILKNLELLQAQNYSRNIKTFPYKELNKSMYYDKWVCMCRCEDGALHFT
QLKDSKTITTITTPNPRTGGEHPAIISRGPCNRLLLLYPGNQITILDSKTNKVLREIEVDSANEIIYMYGHNEVNTEYFI
WADNRGTIGFQSYEDDSQYIVHSAKSDVEYSSGVLHKDSLLLALYSPDGILDVYNLSSPDQASSRFPVDEEAKIKEVKFA
DNGYWMVVECDQTVVCFDLRKDVGTLAYPTYTIPEFKTGTVTYDIDDSGKNMIAYSNESNSLTIYKFDKKTKNWTKDEES
ALCLQSDTADFTDMDVVCGDGGIAAILKTNDSFNIVALTP
;
_entity_poly.pdbx_strand_id   A,B
#
# COMPACT_ATOMS: atom_id res chain seq x y z
N ALA A 1 -3.81 8.11 -7.04
CA ALA A 1 -4.19 8.26 -5.64
C ALA A 1 -4.58 9.70 -5.29
N VAL A 2 -3.77 10.33 -4.43
CA VAL A 2 -3.83 11.78 -4.28
C VAL A 2 -2.46 12.34 -4.68
N ALA A 3 -1.39 11.60 -4.39
CA ALA A 3 -0.03 11.99 -4.82
C ALA A 3 0.42 11.04 -5.92
N ILE A 4 0.68 11.60 -7.10
CA ILE A 4 0.94 10.80 -8.29
C ILE A 4 2.42 10.50 -8.51
N THR A 5 3.32 11.29 -7.92
CA THR A 5 4.76 11.06 -8.02
C THR A 5 5.39 11.13 -6.64
N ARG A 6 6.53 10.44 -6.47
CA ARG A 6 7.29 10.56 -5.22
C ARG A 6 7.68 12.01 -4.95
N GLU A 7 7.98 12.77 -5.99
CA GLU A 7 8.31 14.18 -5.82
C GLU A 7 7.16 14.97 -5.21
N GLU A 8 5.94 14.73 -5.68
CA GLU A 8 4.79 15.37 -5.06
C GLU A 8 4.63 14.92 -3.60
N PHE A 9 4.83 13.63 -3.33
CA PHE A 9 4.64 13.15 -1.98
C PHE A 9 5.66 13.75 -1.02
N LEU A 10 6.93 13.81 -1.46
CA LEU A 10 7.98 14.37 -0.60
C LEU A 10 7.67 15.82 -0.21
N GLN A 11 7.08 16.60 -1.13
CA GLN A 11 6.78 17.97 -0.77
C GLN A 11 5.55 18.07 0.13
N GLY A 12 4.61 17.13 0.03
CA GLY A 12 3.55 17.05 1.03
C GLY A 12 4.11 16.72 2.41
N LEU A 13 5.07 15.78 2.49
CA LEU A 13 5.67 15.44 3.78
C LEU A 13 6.34 16.65 4.40
N LEU A 14 7.28 17.27 3.68
CA LEU A 14 8.00 18.44 4.19
C LEU A 14 7.04 19.55 4.61
N GLN A 15 6.01 19.82 3.81
CA GLN A 15 5.06 20.88 4.13
C GLN A 15 4.29 20.56 5.40
N SER A 16 3.65 19.38 5.46
CA SER A 16 2.94 18.98 6.68
C SER A 16 3.87 18.98 7.90
N SER A 17 5.12 18.54 7.71
CA SER A 17 6.10 18.62 8.79
C SER A 17 6.36 20.07 9.21
N ARG A 18 6.50 20.99 8.24
CA ARG A 18 6.68 22.39 8.61
C ARG A 18 5.46 22.95 9.35
N ASP A 19 4.24 22.49 8.99
CA ASP A 19 3.03 22.91 9.69
C ASP A 19 3.12 22.70 11.20
N PHE A 20 3.78 21.62 11.65
CA PHE A 20 3.75 21.26 13.07
C PHE A 20 5.10 21.44 13.77
N VAL A 21 6.15 21.86 13.06
CA VAL A 21 7.49 21.86 13.63
C VAL A 21 7.58 22.80 14.82
N ALA A 22 6.79 23.88 14.81
CA ALA A 22 6.78 24.87 15.89
C ALA A 22 5.71 24.61 16.95
N ARG A 23 4.87 23.60 16.78
CA ARG A 23 3.91 23.23 17.81
C ARG A 23 4.45 22.08 18.66
N GLY A 24 3.80 21.86 19.81
CA GLY A 24 4.27 20.84 20.73
C GLY A 24 5.62 21.17 21.30
N LYS A 25 5.87 22.45 21.56
CA LYS A 25 7.16 22.90 22.06
C LYS A 25 7.08 23.36 23.52
N LEU A 26 5.95 23.15 24.18
CA LEU A 26 5.85 23.44 25.61
C LEU A 26 6.12 22.18 26.41
N LYS A 27 6.58 22.39 27.64
CA LYS A 27 6.98 21.29 28.50
C LYS A 27 5.76 20.61 29.11
N ALA A 28 5.80 19.28 29.17
CA ALA A 28 4.90 18.55 30.04
C ALA A 28 5.09 19.05 31.47
N PRO A 29 4.06 18.96 32.32
CA PRO A 29 4.21 19.41 33.71
C PRO A 29 5.22 18.60 34.51
N LYS A 30 5.86 19.28 35.47
CA LYS A 30 6.80 18.63 36.37
C LYS A 30 6.12 17.59 37.27
N TRP A 31 6.82 16.49 37.51
CA TRP A 31 6.28 15.44 38.37
C TRP A 31 6.26 15.91 39.82
N PRO A 32 5.16 15.72 40.55
CA PRO A 32 5.16 15.98 41.99
C PRO A 32 5.92 14.91 42.74
N ILE A 33 6.13 15.18 44.04
CA ILE A 33 6.61 14.15 44.95
C ILE A 33 5.55 13.06 45.05
N LEU A 34 5.94 11.83 44.79
CA LEU A 34 5.04 10.69 44.82
C LEU A 34 5.25 9.88 46.09
N LYS A 35 4.16 9.61 46.83
CA LYS A 35 4.28 8.91 48.10
C LYS A 35 3.31 7.75 48.29
N ASN A 36 2.28 7.62 47.46
CA ASN A 36 1.32 6.52 47.59
C ASN A 36 1.16 5.77 46.27
N LEU A 37 0.85 4.49 46.39
CA LEU A 37 0.61 3.67 45.22
C LEU A 37 -0.64 2.81 45.42
N GLU A 38 -1.31 2.55 44.30
CA GLU A 38 -2.50 1.72 44.27
C GLU A 38 -2.36 0.73 43.11
N LEU A 39 -2.43 -0.56 43.43
CA LEU A 39 -2.50 -1.61 42.41
C LEU A 39 -3.88 -1.57 41.77
N LEU A 40 -3.93 -1.24 40.47
CA LEU A 40 -5.21 -1.00 39.81
C LEU A 40 -5.82 -2.26 39.20
N GLN A 41 -5.03 -3.06 38.48
CA GLN A 41 -5.59 -4.28 37.87
C GLN A 41 -4.46 -5.19 37.39
N ALA A 42 -4.66 -6.50 37.58
CA ALA A 42 -3.76 -7.52 37.02
C ALA A 42 -4.45 -8.24 35.87
N GLN A 43 -3.79 -8.26 34.70
CA GLN A 43 -4.34 -8.89 33.50
C GLN A 43 -3.27 -9.74 32.81
N ASN A 44 -3.73 -10.71 32.03
CA ASN A 44 -2.83 -11.45 31.15
C ASN A 44 -2.71 -10.71 29.82
N TYR A 45 -1.59 -10.90 29.14
CA TYR A 45 -1.45 -10.34 27.80
C TYR A 45 -0.49 -11.21 27.00
N SER A 46 -0.50 -11.00 25.68
CA SER A 46 0.35 -11.76 24.75
C SER A 46 1.58 -10.89 24.49
N ARG A 47 2.72 -11.28 25.07
CA ARG A 47 3.91 -10.43 25.00
C ARG A 47 4.53 -10.42 23.60
N ASN A 48 4.41 -11.51 22.84
CA ASN A 48 4.98 -11.63 21.51
C ASN A 48 4.43 -10.62 20.50
N ILE A 49 3.34 -9.94 20.84
CA ILE A 49 2.73 -8.93 19.98
C ILE A 49 3.35 -7.59 20.35
N LYS A 50 4.15 -7.05 19.45
CA LYS A 50 4.76 -5.75 19.71
C LYS A 50 3.73 -4.65 19.45
N THR A 51 3.64 -3.70 20.36
CA THR A 51 2.70 -2.60 20.23
C THR A 51 3.48 -1.30 20.39
N PHE A 52 3.37 -0.43 19.40
CA PHE A 52 4.08 0.85 19.49
C PHE A 52 3.18 1.87 20.16
N PRO A 53 3.68 2.62 21.15
CA PRO A 53 2.85 3.65 21.78
C PRO A 53 2.50 4.74 20.78
N TYR A 54 1.27 5.26 20.91
CA TYR A 54 0.73 6.28 20.03
C TYR A 54 0.84 7.65 20.71
N LYS A 55 1.30 8.64 19.95
CA LYS A 55 1.50 10.00 20.46
C LYS A 55 0.50 10.98 19.83
N GLU A 56 -0.08 11.87 20.65
CA GLU A 56 -1.07 12.84 20.18
C GLU A 56 -0.74 14.19 20.76
N LEU A 57 -0.56 15.19 19.90
CA LEU A 57 -0.39 16.55 20.37
C LEU A 57 -1.67 17.00 21.06
N ASN A 58 -1.55 17.61 22.24
CA ASN A 58 -2.72 18.05 22.99
C ASN A 58 -2.84 19.57 22.95
N LYS A 59 -4.01 20.05 23.40
CA LYS A 59 -4.31 21.48 23.37
C LYS A 59 -3.29 22.33 24.13
N SER A 60 -2.52 21.75 25.06
CA SER A 60 -1.50 22.48 25.79
C SER A 60 -0.12 22.45 25.12
N MET A 61 -0.02 21.97 23.87
CA MET A 61 1.25 21.99 23.13
C MET A 61 2.33 21.11 23.78
N TYR A 62 1.92 19.98 24.35
CA TYR A 62 2.85 18.88 24.56
C TYR A 62 2.13 17.60 24.13
N TYR A 63 2.85 16.49 24.16
CA TYR A 63 2.30 15.24 23.62
C TYR A 63 1.79 14.35 24.74
N ASP A 64 0.70 13.65 24.45
CA ASP A 64 0.20 12.57 25.26
C ASP A 64 0.68 11.26 24.66
N LYS A 65 0.92 10.27 25.53
CA LYS A 65 1.48 8.96 25.14
C LYS A 65 0.52 7.87 25.60
N TRP A 66 -0.08 7.17 24.64
CA TRP A 66 -0.95 6.03 24.93
C TRP A 66 -0.14 4.75 24.83
N VAL A 67 -0.14 3.97 25.90
CA VAL A 67 0.52 2.67 25.91
C VAL A 67 -0.57 1.62 25.77
N CYS A 68 -0.24 0.51 25.15
CA CYS A 68 -1.24 -0.50 24.81
C CYS A 68 -0.69 -1.89 25.06
N MET A 69 -1.53 -2.74 25.66
CA MET A 69 -1.26 -4.17 25.79
C MET A 69 -2.37 -4.95 25.08
N CYS A 70 -1.98 -6.05 24.44
CA CYS A 70 -2.90 -6.87 23.66
C CYS A 70 -2.93 -8.30 24.17
N ARG A 71 -4.14 -8.84 24.33
CA ARG A 71 -4.36 -10.25 24.66
C ARG A 71 -5.24 -10.84 23.57
N CYS A 72 -4.71 -11.84 22.86
CA CYS A 72 -5.35 -12.40 21.68
C CYS A 72 -5.89 -13.79 21.99
N GLU A 73 -7.22 -13.89 22.10
CA GLU A 73 -7.90 -15.16 22.35
C GLU A 73 -9.04 -15.35 21.37
N ASP A 74 -9.04 -16.48 20.66
CA ASP A 74 -10.24 -17.00 19.99
C ASP A 74 -10.86 -15.96 19.06
N GLY A 75 -10.08 -15.52 18.08
CA GLY A 75 -10.62 -14.59 17.10
C GLY A 75 -11.04 -13.24 17.62
N ALA A 76 -10.64 -12.88 18.84
CA ALA A 76 -10.82 -11.57 19.42
C ALA A 76 -9.48 -11.02 19.87
N LEU A 77 -9.35 -9.68 19.83
CA LEU A 77 -8.18 -9.01 20.41
C LEU A 77 -8.67 -8.14 21.53
N HIS A 78 -8.18 -8.38 22.74
CA HIS A 78 -8.55 -7.59 23.90
C HIS A 78 -7.44 -6.59 24.14
N PHE A 79 -7.78 -5.30 24.12
CA PHE A 79 -6.83 -4.21 24.28
C PHE A 79 -7.05 -3.51 25.61
N THR A 80 -5.94 -3.14 26.26
CA THR A 80 -5.96 -2.26 27.41
C THR A 80 -5.11 -1.04 27.07
N GLN A 81 -5.73 0.14 27.04
CA GLN A 81 -5.04 1.37 26.68
C GLN A 81 -5.12 2.38 27.82
N LEU A 82 -4.07 3.19 27.96
CA LEU A 82 -4.09 4.28 28.92
C LEU A 82 -3.01 5.29 28.58
N LYS A 83 -3.29 6.56 28.84
CA LYS A 83 -2.27 7.60 28.80
C LYS A 83 -2.00 8.19 30.17
N ASP A 84 -2.71 7.70 31.20
CA ASP A 84 -2.55 8.11 32.60
C ASP A 84 -3.47 7.27 33.47
N SER A 85 -3.53 7.56 34.77
CA SER A 85 -4.29 6.74 35.72
C SER A 85 -5.80 6.75 35.46
N LYS A 86 -6.34 7.77 34.81
CA LYS A 86 -7.78 7.91 34.74
C LYS A 86 -8.34 7.58 33.36
N THR A 87 -7.52 7.04 32.46
CA THR A 87 -7.97 6.76 31.11
C THR A 87 -7.81 5.29 30.76
N ILE A 88 -7.75 4.41 31.76
CA ILE A 88 -7.69 2.99 31.48
C ILE A 88 -9.02 2.55 30.87
N THR A 89 -8.95 1.95 29.69
CA THR A 89 -10.10 1.25 29.13
C THR A 89 -9.65 -0.06 28.53
N THR A 90 -10.57 -1.01 28.45
CA THR A 90 -10.34 -2.27 27.76
C THR A 90 -11.35 -2.42 26.65
N ILE A 91 -10.86 -2.51 25.42
CA ILE A 91 -11.68 -2.63 24.22
C ILE A 91 -11.43 -4.00 23.61
N THR A 92 -12.49 -4.62 23.10
CA THR A 92 -12.40 -5.88 22.37
C THR A 92 -12.79 -5.64 20.91
N THR A 93 -11.90 -6.01 19.99
CA THR A 93 -12.16 -5.92 18.57
C THR A 93 -11.93 -7.28 17.91
N PRO A 94 -12.56 -7.53 16.76
CA PRO A 94 -12.41 -8.85 16.13
C PRO A 94 -11.03 -9.02 15.49
N ASN A 95 -10.55 -10.26 15.51
CA ASN A 95 -9.30 -10.59 14.86
C ASN A 95 -9.61 -11.03 13.44
N PRO A 96 -9.35 -10.21 12.43
CA PRO A 96 -9.81 -10.55 11.07
C PRO A 96 -9.19 -11.81 10.52
N ARG A 97 -8.09 -12.29 11.09
CA ARG A 97 -7.34 -13.38 10.49
C ARG A 97 -7.96 -14.74 10.77
N THR A 98 -7.61 -15.69 9.91
CA THR A 98 -8.07 -17.07 10.07
C THR A 98 -7.32 -17.74 11.22
N GLY A 99 -8.04 -18.56 11.99
CA GLY A 99 -7.42 -19.39 13.00
C GLY A 99 -6.95 -18.71 14.27
N GLY A 100 -7.31 -17.44 14.48
CA GLY A 100 -6.84 -16.74 15.64
C GLY A 100 -5.36 -16.43 15.63
N GLU A 101 -4.74 -16.39 14.44
CA GLU A 101 -3.32 -16.09 14.34
C GLU A 101 -3.02 -14.74 14.98
N HIS A 102 -1.88 -14.65 15.63
CA HIS A 102 -1.55 -13.44 16.36
C HIS A 102 -0.87 -12.44 15.43
N PRO A 103 -1.17 -11.15 15.50
CA PRO A 103 -0.31 -10.18 14.83
C PRO A 103 1.07 -10.16 15.47
N ALA A 104 2.06 -9.82 14.66
CA ALA A 104 3.42 -9.58 15.13
C ALA A 104 3.59 -8.15 15.63
N ILE A 105 2.86 -7.20 15.03
CA ILE A 105 2.92 -5.79 15.38
C ILE A 105 1.52 -5.19 15.30
N ILE A 106 1.15 -4.39 16.30
CA ILE A 106 -0.07 -3.61 16.29
C ILE A 106 0.29 -2.15 16.57
N SER A 107 -0.20 -1.25 15.72
CA SER A 107 -0.05 0.18 15.94
C SER A 107 -1.34 0.88 15.55
N ARG A 108 -1.50 2.09 16.04
CA ARG A 108 -2.65 2.92 15.78
C ARG A 108 -2.33 3.95 14.68
N GLY A 109 -3.39 4.46 14.08
CA GLY A 109 -3.27 5.60 13.19
C GLY A 109 -4.39 6.57 13.52
N PRO A 110 -4.39 7.74 12.88
CA PRO A 110 -5.48 8.70 13.12
C PRO A 110 -6.83 8.18 12.63
N CYS A 111 -7.90 8.76 13.18
CA CYS A 111 -9.28 8.39 12.86
C CYS A 111 -9.59 6.94 13.28
N ASN A 112 -9.12 6.55 14.46
CA ASN A 112 -9.42 5.23 15.05
C ASN A 112 -8.97 4.09 14.15
N ARG A 113 -7.83 4.25 13.51
CA ARG A 113 -7.33 3.18 12.67
C ARG A 113 -6.40 2.28 13.48
N LEU A 114 -6.52 0.99 13.23
CA LEU A 114 -5.75 -0.03 13.92
C LEU A 114 -4.97 -0.81 12.86
N LEU A 115 -3.63 -0.80 12.98
CA LEU A 115 -2.76 -1.45 11.99
C LEU A 115 -2.28 -2.78 12.53
N LEU A 116 -2.59 -3.86 11.82
CA LEU A 116 -2.26 -5.21 12.23
C LEU A 116 -1.30 -5.80 11.21
N LEU A 117 -0.07 -6.05 11.63
CA LEU A 117 0.91 -6.74 10.79
C LEU A 117 0.93 -8.22 11.17
N TYR A 118 0.85 -9.06 10.15
CA TYR A 118 0.95 -10.50 10.24
C TYR A 118 2.17 -10.99 9.46
N PRO A 119 2.80 -12.09 9.89
CA PRO A 119 4.04 -12.52 9.23
C PRO A 119 3.83 -12.74 7.74
N GLY A 120 4.88 -12.54 6.97
CA GLY A 120 4.73 -12.43 5.54
C GLY A 120 4.39 -11.03 5.05
N ASN A 121 4.51 -10.02 5.91
CA ASN A 121 4.34 -8.64 5.49
C ASN A 121 2.92 -8.37 4.97
N GLN A 122 1.93 -8.96 5.64
CA GLN A 122 0.53 -8.73 5.33
C GLN A 122 -0.07 -7.86 6.41
N ILE A 123 -0.72 -6.77 6.00
CA ILE A 123 -1.25 -5.76 6.92
C ILE A 123 -2.76 -5.67 6.72
N THR A 124 -3.48 -5.65 7.83
CA THR A 124 -4.91 -5.39 7.89
C THR A 124 -5.14 -4.11 8.67
N ILE A 125 -5.98 -3.22 8.14
CA ILE A 125 -6.37 -2.01 8.84
C ILE A 125 -7.83 -2.17 9.26
N LEU A 126 -8.07 -1.97 10.57
CA LEU A 126 -9.41 -1.95 11.12
C LEU A 126 -9.75 -0.56 11.62
N ASP A 127 -11.04 -0.24 11.61
CA ASP A 127 -11.56 0.86 12.41
C ASP A 127 -11.94 0.30 13.79
N SER A 128 -11.19 0.67 14.82
CA SER A 128 -11.46 0.14 16.15
C SER A 128 -12.79 0.60 16.72
N LYS A 129 -13.44 1.62 16.14
CA LYS A 129 -14.69 2.15 16.65
C LYS A 129 -15.91 1.49 16.03
N THR A 130 -15.82 1.09 14.75
CA THR A 130 -16.93 0.49 14.02
C THR A 130 -16.71 -0.99 13.74
N ASN A 131 -15.51 -1.51 13.99
CA ASN A 131 -15.18 -2.92 13.83
C ASN A 131 -15.20 -3.38 12.39
N LYS A 132 -15.03 -2.46 11.43
CA LYS A 132 -14.94 -2.81 10.03
C LYS A 132 -13.49 -2.98 9.58
N VAL A 133 -13.30 -3.84 8.59
CA VAL A 133 -12.03 -3.93 7.87
C VAL A 133 -11.98 -2.78 6.86
N LEU A 134 -10.94 -1.95 6.95
CA LEU A 134 -10.75 -0.89 5.97
C LEU A 134 -9.81 -1.27 4.84
N ARG A 135 -8.80 -2.09 5.12
CA ARG A 135 -7.73 -2.40 4.15
C ARG A 135 -7.20 -3.79 4.40
N GLU A 136 -6.88 -4.49 3.31
CA GLU A 136 -6.01 -5.67 3.30
C GLU A 136 -4.87 -5.39 2.33
N ILE A 137 -3.66 -5.30 2.87
CA ILE A 137 -2.48 -4.77 2.20
C ILE A 137 -1.35 -5.78 2.27
N GLU A 138 -0.61 -5.92 1.17
CA GLU A 138 0.62 -6.70 1.16
C GLU A 138 1.79 -5.82 0.76
N VAL A 139 2.91 -5.96 1.46
CA VAL A 139 4.12 -5.22 1.14
C VAL A 139 5.09 -6.18 0.47
N ASP A 140 5.51 -5.82 -0.74
CA ASP A 140 6.45 -6.65 -1.49
C ASP A 140 7.85 -6.29 -1.02
N SER A 141 8.37 -7.12 -0.12
CA SER A 141 9.74 -7.04 0.35
C SER A 141 10.09 -8.39 0.93
N ALA A 142 11.26 -8.92 0.56
CA ALA A 142 11.70 -10.21 1.05
C ALA A 142 12.03 -10.18 2.55
N ASN A 143 12.22 -8.99 3.11
CA ASN A 143 12.64 -8.84 4.49
C ASN A 143 11.46 -8.54 5.41
N GLU A 144 11.48 -9.18 6.58
CA GLU A 144 10.48 -8.96 7.61
C GLU A 144 10.39 -7.47 7.98
N ILE A 145 9.19 -6.90 7.87
CA ILE A 145 8.88 -5.60 8.45
C ILE A 145 8.99 -5.66 9.98
N ILE A 146 9.66 -4.69 10.59
CA ILE A 146 9.89 -4.63 12.04
C ILE A 146 9.50 -3.26 12.59
N TYR A 147 8.84 -2.43 11.79
CA TYR A 147 8.38 -1.17 12.33
C TYR A 147 7.20 -0.70 11.51
N MET A 148 6.18 -0.17 12.18
CA MET A 148 4.95 0.25 11.52
C MET A 148 4.31 1.28 12.42
N TYR A 149 4.07 2.48 11.89
CA TYR A 149 3.60 3.59 12.71
C TYR A 149 2.85 4.59 11.85
N GLY A 150 1.82 5.20 12.43
CA GLY A 150 1.16 6.31 11.77
C GLY A 150 1.14 7.56 12.63
N HIS A 151 1.74 8.63 12.13
CA HIS A 151 1.78 9.88 12.88
C HIS A 151 0.37 10.48 12.98
N ASN A 152 0.03 10.99 14.17
CA ASN A 152 -1.29 11.57 14.41
C ASN A 152 -1.48 12.98 13.83
N GLU A 153 -0.40 13.73 13.52
CA GLU A 153 -0.52 15.08 12.98
C GLU A 153 0.15 15.30 11.62
N VAL A 154 1.29 14.67 11.35
CA VAL A 154 2.10 15.00 10.17
C VAL A 154 1.85 13.97 9.09
N ASN A 155 1.40 14.44 7.91
CA ASN A 155 1.29 13.62 6.70
C ASN A 155 0.29 12.48 6.87
N THR A 156 -0.91 12.83 7.37
CA THR A 156 -1.84 11.85 7.94
C THR A 156 -2.59 11.02 6.89
N GLU A 157 -2.22 11.12 5.62
CA GLU A 157 -2.75 10.23 4.58
C GLU A 157 -2.01 8.91 4.52
N TYR A 158 -0.82 8.83 5.14
CA TYR A 158 0.07 7.69 5.03
C TYR A 158 0.52 7.22 6.42
N PHE A 159 0.87 5.94 6.52
CA PHE A 159 1.63 5.42 7.65
C PHE A 159 2.96 4.92 7.13
N ILE A 160 3.90 4.71 8.05
CA ILE A 160 5.28 4.34 7.77
C ILE A 160 5.49 2.88 8.12
N TRP A 161 6.29 2.16 7.31
CA TRP A 161 6.80 0.82 7.65
C TRP A 161 8.29 0.74 7.33
N ALA A 162 8.97 -0.21 7.99
CA ALA A 162 10.39 -0.43 7.71
C ALA A 162 10.74 -1.89 7.97
N ASP A 163 11.57 -2.46 7.09
CA ASP A 163 11.94 -3.87 7.24
C ASP A 163 13.32 -4.00 7.89
N ASN A 164 13.71 -5.25 8.18
CA ASN A 164 14.89 -5.44 9.04
C ASN A 164 16.22 -5.25 8.30
N ARG A 165 16.21 -4.71 7.08
CA ARG A 165 17.44 -4.35 6.39
C ARG A 165 17.42 -2.91 5.89
N GLY A 166 16.45 -2.11 6.30
CA GLY A 166 16.47 -0.69 6.02
C GLY A 166 15.65 -0.19 4.84
N THR A 167 14.85 -1.04 4.21
CA THR A 167 13.83 -0.53 3.30
C THR A 167 12.81 0.28 4.10
N ILE A 168 12.53 1.51 3.66
CA ILE A 168 11.57 2.38 4.33
C ILE A 168 10.58 2.92 3.32
N GLY A 169 9.29 2.79 3.63
CA GLY A 169 8.26 3.25 2.73
C GLY A 169 7.08 3.83 3.48
N PHE A 170 6.29 4.61 2.73
CA PHE A 170 5.03 5.19 3.16
C PHE A 170 3.89 4.53 2.39
N GLN A 171 2.74 4.36 3.07
CA GLN A 171 1.59 3.65 2.52
C GLN A 171 0.32 4.45 2.78
N SER A 172 -0.41 4.81 1.72
CA SER A 172 -1.67 5.51 1.88
C SER A 172 -2.70 4.64 2.62
N TYR A 173 -3.44 5.25 3.55
CA TYR A 173 -4.51 4.51 4.23
C TYR A 173 -5.63 4.13 3.27
N GLU A 174 -5.95 5.02 2.33
CA GLU A 174 -7.17 4.85 1.53
C GLU A 174 -6.91 4.37 0.11
N ASP A 175 -5.84 4.83 -0.54
CA ASP A 175 -5.55 4.46 -1.91
C ASP A 175 -4.51 3.37 -1.95
N ASP A 176 -4.47 2.65 -3.09
CA ASP A 176 -3.39 1.72 -3.41
C ASP A 176 -2.22 2.51 -4.00
N SER A 177 -1.50 3.17 -3.09
CA SER A 177 -0.48 4.14 -3.44
C SER A 177 0.60 4.15 -2.35
N GLN A 178 1.85 4.05 -2.77
CA GLN A 178 2.93 3.92 -1.81
C GLN A 178 4.22 4.46 -2.42
N TYR A 179 5.15 4.87 -1.56
CA TYR A 179 6.45 5.36 -2.00
C TYR A 179 7.57 4.84 -1.10
N ILE A 180 8.61 4.28 -1.72
CA ILE A 180 9.85 3.85 -1.03
C ILE A 180 10.84 5.01 -1.02
N VAL A 181 11.36 5.33 0.17
CA VAL A 181 12.30 6.43 0.30
C VAL A 181 13.72 5.94 0.62
N HIS A 182 13.87 4.70 1.09
CA HIS A 182 15.16 4.06 1.33
C HIS A 182 15.02 2.58 1.00
N SER A 183 16.02 2.03 0.32
CA SER A 183 16.05 0.63 -0.09
C SER A 183 17.13 -0.12 0.70
N ALA A 184 16.98 -1.44 0.78
CA ALA A 184 17.84 -2.33 1.55
C ALA A 184 19.32 -1.95 1.51
N SER A 186 22.60 -4.21 4.07
CA SER A 186 22.60 -5.64 4.28
C SER A 186 23.39 -5.90 5.54
N ASP A 187 24.43 -5.08 5.71
CA ASP A 187 25.23 -5.00 6.92
C ASP A 187 24.34 -5.16 8.15
N VAL A 188 23.24 -4.44 8.16
CA VAL A 188 22.38 -4.32 9.32
C VAL A 188 21.52 -5.56 9.54
N GLU A 189 20.89 -5.64 10.72
CA GLU A 189 19.72 -6.51 10.93
C GLU A 189 18.96 -5.91 12.10
N TYR A 190 17.89 -5.19 11.79
CA TYR A 190 17.18 -4.38 12.77
C TYR A 190 16.07 -5.19 13.44
N SER A 191 15.75 -4.82 14.69
CA SER A 191 14.62 -5.43 15.39
C SER A 191 13.45 -4.49 15.63
N SER A 192 13.64 -3.17 15.57
CA SER A 192 12.58 -2.24 15.97
C SER A 192 12.93 -0.86 15.43
N GLY A 193 12.08 0.13 15.71
CA GLY A 193 12.29 1.50 15.23
C GLY A 193 11.55 2.50 16.07
N VAL A 194 11.88 3.78 15.87
CA VAL A 194 11.16 4.88 16.52
C VAL A 194 11.27 6.14 15.66
N LEU A 195 10.19 6.92 15.62
CA LEU A 195 10.04 8.06 14.72
C LEU A 195 10.11 9.36 15.52
N HIS A 196 10.84 10.34 14.98
CA HIS A 196 11.02 11.63 15.63
C HIS A 196 9.72 12.43 15.56
N LYS A 197 9.55 13.35 16.51
CA LYS A 197 8.38 14.23 16.61
C LYS A 197 7.93 14.80 15.26
N ASP A 198 8.87 15.24 14.44
CA ASP A 198 8.55 15.95 13.20
C ASP A 198 8.47 15.00 12.02
N SER A 199 8.64 13.70 12.24
CA SER A 199 8.34 12.66 11.28
C SER A 199 9.27 12.71 10.05
N LEU A 200 10.40 13.42 10.13
CA LEU A 200 11.43 13.36 9.09
C LEU A 200 12.58 12.42 9.42
N LEU A 201 12.83 12.14 10.69
CA LEU A 201 13.91 11.25 11.11
C LEU A 201 13.35 9.95 11.67
N LEU A 202 13.85 8.82 11.17
CA LEU A 202 13.47 7.50 11.66
C LEU A 202 14.72 6.76 12.17
N ALA A 203 14.69 6.31 13.41
CA ALA A 203 15.78 5.49 13.94
C ALA A 203 15.43 4.02 13.81
N LEU A 204 16.34 3.25 13.22
CA LEU A 204 16.24 1.80 13.22
C LEU A 204 17.37 1.22 14.07
N TYR A 205 17.05 0.19 14.86
CA TYR A 205 18.06 -0.34 15.78
C TYR A 205 17.85 -1.82 16.04
N SER A 206 18.83 -2.41 16.70
CA SER A 206 18.84 -3.82 17.10
C SER A 206 19.47 -3.91 18.48
N PRO A 207 19.24 -5.02 19.21
CA PRO A 207 19.78 -5.11 20.59
C PRO A 207 21.29 -5.03 20.71
N ASP A 208 22.03 -5.51 19.70
CA ASP A 208 23.49 -5.59 19.79
C ASP A 208 24.22 -4.32 19.37
N GLY A 209 23.69 -3.13 19.68
CA GLY A 209 24.44 -1.89 19.50
C GLY A 209 24.16 -1.10 18.24
N ILE A 210 23.47 -1.65 17.25
CA ILE A 210 23.30 -0.95 15.97
C ILE A 210 22.22 0.12 16.11
N LEU A 211 22.53 1.33 15.69
CA LEU A 211 21.59 2.44 15.77
C LEU A 211 21.82 3.36 14.57
N ASP A 212 20.93 3.32 13.59
CA ASP A 212 21.03 4.08 12.35
C ASP A 212 19.83 5.02 12.19
N VAL A 213 20.11 6.29 11.97
CA VAL A 213 19.06 7.29 11.78
C VAL A 213 18.98 7.64 10.30
N TYR A 214 17.80 7.45 9.72
CA TYR A 214 17.49 7.69 8.31
C TYR A 214 16.69 8.97 8.15
N ASN A 215 16.91 9.68 7.04
CA ASN A 215 16.16 10.90 6.75
C ASN A 215 15.10 10.58 5.71
N LEU A 216 13.83 10.60 6.14
CA LEU A 216 12.72 10.13 5.32
C LEU A 216 12.38 11.08 4.19
N SER A 217 12.80 12.34 4.25
CA SER A 217 12.42 13.30 3.21
C SER A 217 13.47 13.48 2.13
N SER A 218 14.62 12.81 2.20
CA SER A 218 15.61 12.89 1.12
C SER A 218 16.01 11.49 0.71
N PRO A 219 15.41 10.96 -0.34
CA PRO A 219 15.56 9.52 -0.61
C PRO A 219 17.00 9.07 -0.77
N ASP A 220 17.32 7.99 -0.08
CA ASP A 220 18.55 7.23 -0.20
C ASP A 220 19.80 8.03 0.17
N GLN A 221 19.64 9.16 0.88
CA GLN A 221 20.76 9.78 1.58
C GLN A 221 21.25 8.85 2.69
N ALA A 222 22.57 8.75 2.84
CA ALA A 222 23.16 7.76 3.75
C ALA A 222 22.67 7.96 5.17
N SER A 223 22.26 6.87 5.80
CA SER A 223 21.94 6.89 7.21
C SER A 223 23.18 7.22 8.05
N SER A 224 22.95 7.88 9.19
CA SER A 224 24.01 8.14 10.16
C SER A 224 23.96 7.07 11.24
N ARG A 225 25.12 6.48 11.53
CA ARG A 225 25.25 5.45 12.55
C ARG A 225 25.80 6.05 13.84
N PHE A 226 25.12 5.78 14.96
CA PHE A 226 25.44 6.35 16.26
C PHE A 226 26.21 5.35 17.12
N PRO A 227 27.27 5.80 17.80
CA PRO A 227 28.18 4.87 18.48
C PRO A 227 27.65 4.47 19.85
N VAL A 228 27.25 3.22 19.96
CA VAL A 228 26.88 2.62 21.23
C VAL A 228 27.80 1.44 21.44
N ASP A 229 28.34 1.31 22.64
CA ASP A 229 29.18 0.15 22.93
C ASP A 229 28.40 -1.16 22.73
N ALA A 232 26.92 -3.43 26.18
CA ALA A 232 25.71 -2.63 25.99
C ALA A 232 24.70 -3.39 25.16
N LYS A 233 23.48 -3.55 25.70
CA LYS A 233 22.37 -4.20 25.00
C LYS A 233 21.22 -3.22 24.95
N ILE A 234 20.90 -2.71 23.76
CA ILE A 234 19.83 -1.75 23.60
C ILE A 234 18.49 -2.42 23.90
N LYS A 235 17.65 -1.74 24.68
CA LYS A 235 16.30 -2.25 24.84
C LYS A 235 15.23 -1.33 24.29
N GLU A 236 15.50 -0.03 24.20
CA GLU A 236 14.59 0.89 23.52
C GLU A 236 15.37 2.13 23.12
N VAL A 237 14.98 2.74 21.99
CA VAL A 237 15.39 4.08 21.61
C VAL A 237 14.15 4.98 21.58
N LYS A 238 14.27 6.17 22.17
CA LYS A 238 13.19 7.15 22.25
C LYS A 238 13.71 8.48 21.74
N PHE A 239 12.95 9.13 20.87
CA PHE A 239 13.18 10.53 20.58
C PHE A 239 12.44 11.34 21.62
N ALA A 240 13.17 12.11 22.43
CA ALA A 240 12.52 12.84 23.50
C ALA A 240 11.68 13.98 22.92
N ASP A 241 10.65 14.38 23.68
CA ASP A 241 9.65 15.31 23.18
C ASP A 241 10.20 16.70 22.88
N ASN A 242 11.37 17.07 23.44
CA ASN A 242 11.95 18.37 23.13
C ASN A 242 12.49 18.44 21.69
N GLY A 243 12.52 17.33 20.98
CA GLY A 243 12.94 17.29 19.58
C GLY A 243 14.44 17.22 19.33
N TYR A 244 15.31 17.20 20.36
CA TYR A 244 16.74 17.10 20.10
C TYR A 244 17.51 16.09 20.92
N TRP A 245 16.90 15.41 21.89
CA TRP A 245 17.53 14.26 22.53
C TRP A 245 17.11 12.98 21.81
N MET A 246 18.07 12.09 21.61
CA MET A 246 17.78 10.71 21.25
C MET A 246 18.27 9.85 22.41
N VAL A 247 17.34 9.26 23.15
CA VAL A 247 17.66 8.51 24.36
C VAL A 247 17.76 7.04 24.03
N VAL A 248 18.90 6.43 24.37
CA VAL A 248 19.11 5.00 24.19
C VAL A 248 19.04 4.35 25.57
N GLU A 249 17.90 3.75 25.86
CA GLU A 249 17.77 2.93 27.06
C GLU A 249 18.46 1.59 26.82
N CYS A 250 19.51 1.31 27.58
CA CYS A 250 20.14 -0.01 27.57
C CYS A 250 19.86 -0.75 28.88
N ASP A 251 20.33 -2.01 28.93
CA ASP A 251 20.07 -2.86 30.08
C ASP A 251 20.45 -2.18 31.39
N GLN A 252 21.69 -1.68 31.50
CA GLN A 252 22.07 -1.00 32.73
C GLN A 252 22.68 0.38 32.48
N THR A 253 22.53 0.94 31.28
CA THR A 253 23.03 2.28 31.01
C THR A 253 22.01 3.10 30.22
N VAL A 254 22.04 4.41 30.44
CA VAL A 254 21.29 5.36 29.64
C VAL A 254 22.27 6.22 28.85
N VAL A 255 22.15 6.20 27.52
CA VAL A 255 22.95 7.04 26.63
C VAL A 255 22.01 8.02 25.97
N CYS A 256 22.38 9.30 26.01
CA CYS A 256 21.53 10.33 25.42
C CYS A 256 22.37 11.14 24.45
N PHE A 257 22.02 11.07 23.17
CA PHE A 257 22.69 11.83 22.11
C PHE A 257 22.02 13.17 21.90
N ASP A 258 22.85 14.17 21.57
CA ASP A 258 22.39 15.52 21.26
C ASP A 258 22.31 15.66 19.74
N LEU A 259 21.09 15.63 19.21
CA LEU A 259 20.84 15.69 17.76
C LEU A 259 21.28 17.01 17.11
N ARG A 260 21.53 18.07 17.89
CA ARG A 260 21.96 19.33 17.29
C ARG A 260 23.43 19.33 16.87
N LYS A 261 24.24 18.37 17.34
CA LYS A 261 25.69 18.42 17.14
C LYS A 261 26.15 17.28 16.20
N ASP A 262 27.46 17.10 16.10
CA ASP A 262 28.00 15.99 15.31
C ASP A 262 27.50 14.66 15.86
N VAL A 263 27.12 13.77 14.94
CA VAL A 263 26.73 12.40 15.24
C VAL A 263 27.71 11.83 16.26
N GLY A 264 27.19 11.38 17.40
CA GLY A 264 27.98 10.79 18.45
C GLY A 264 28.11 11.66 19.68
N THR A 265 27.83 12.96 19.56
CA THR A 265 28.00 13.87 20.68
C THR A 265 26.89 13.67 21.70
N LEU A 266 27.26 13.42 22.94
CA LEU A 266 26.26 13.15 23.97
C LEU A 266 25.72 14.45 24.52
N ALA A 267 24.48 14.40 24.99
CA ALA A 267 23.91 15.52 25.73
C ALA A 267 24.44 15.61 27.15
N TYR A 268 24.92 14.50 27.69
CA TYR A 268 25.41 14.47 29.06
C TYR A 268 26.06 13.10 29.29
N PRO A 269 26.88 12.97 30.32
CA PRO A 269 27.61 11.71 30.52
C PRO A 269 26.68 10.51 30.72
N THR A 270 27.08 9.39 30.14
CA THR A 270 26.29 8.17 30.20
C THR A 270 26.06 7.73 31.63
N TYR A 271 24.84 7.27 31.90
CA TYR A 271 24.36 7.02 33.25
C TYR A 271 24.23 5.52 33.53
N THR A 272 24.71 5.07 34.67
CA THR A 272 24.61 3.67 35.06
C THR A 272 23.41 3.52 35.98
N ILE A 273 22.53 2.57 35.68
CA ILE A 273 21.37 2.33 36.55
C ILE A 273 21.88 1.73 37.85
N PRO A 274 21.57 2.33 39.01
CA PRO A 274 21.87 1.66 40.28
C PRO A 274 20.63 1.07 40.92
N GLU A 275 20.70 -0.12 41.51
CA GLU A 275 21.89 -0.95 41.53
C GLU A 275 21.56 -2.24 40.80
N PHE A 276 22.04 -2.40 39.58
CA PHE A 276 21.82 -3.66 38.87
C PHE A 276 22.56 -4.77 39.61
N LYS A 277 21.86 -5.87 39.87
CA LYS A 277 22.40 -6.92 40.73
C LYS A 277 22.36 -8.31 40.09
N THR A 278 22.91 -8.51 38.88
CA THR A 278 23.09 -7.51 37.81
C THR A 278 22.51 -7.97 36.47
N GLY A 279 21.28 -8.48 36.42
CA GLY A 279 20.37 -8.57 37.56
C GLY A 279 19.01 -8.01 37.25
N THR A 280 18.00 -8.45 38.00
CA THR A 280 16.61 -8.15 37.66
C THR A 280 16.14 -6.89 38.39
N VAL A 281 16.68 -5.77 37.93
CA VAL A 281 16.10 -4.45 38.11
C VAL A 281 15.63 -4.01 36.73
N THR A 282 14.43 -3.44 36.66
CA THR A 282 13.91 -2.92 35.41
C THR A 282 13.56 -1.45 35.60
N TYR A 283 13.38 -0.74 34.49
CA TYR A 283 13.17 0.71 34.54
C TYR A 283 12.57 1.17 33.21
N ASP A 284 12.00 2.38 33.24
CA ASP A 284 11.57 3.08 32.03
C ASP A 284 11.68 4.59 32.25
N ILE A 285 11.93 5.30 31.15
CA ILE A 285 12.04 6.76 31.10
C ILE A 285 10.84 7.29 30.33
N ASP A 286 10.25 8.40 30.79
CA ASP A 286 9.11 8.99 30.12
C ASP A 286 9.56 9.74 28.87
N ASP A 287 8.60 10.24 28.09
CA ASP A 287 9.01 10.76 26.79
C ASP A 287 9.61 12.18 26.86
N SER A 288 9.58 12.83 28.02
CA SER A 288 10.35 14.06 28.20
C SER A 288 11.85 13.77 28.34
N GLY A 289 12.21 12.53 28.66
CA GLY A 289 13.59 12.18 28.92
C GLY A 289 14.12 12.67 30.25
N LYS A 290 13.27 13.19 31.13
CA LYS A 290 13.74 13.76 32.38
C LYS A 290 13.27 12.99 33.62
N ASN A 291 12.29 12.11 33.49
CA ASN A 291 11.71 11.40 34.61
C ASN A 291 11.87 9.90 34.40
N MET A 292 12.36 9.19 35.42
CA MET A 292 12.60 7.76 35.32
C MET A 292 12.08 7.05 36.57
N ILE A 293 11.50 5.86 36.36
CA ILE A 293 11.02 4.99 37.42
C ILE A 293 11.75 3.66 37.28
N ALA A 294 12.28 3.13 38.39
CA ALA A 294 12.90 1.82 38.38
C ALA A 294 12.24 0.90 39.41
N TYR A 295 12.20 -0.39 39.09
CA TYR A 295 11.63 -1.42 39.94
C TYR A 295 12.69 -2.44 40.34
N SER A 296 12.72 -2.78 41.63
CA SER A 296 13.58 -3.85 42.12
C SER A 296 12.72 -5.03 42.57
N ASN A 297 12.95 -6.19 41.97
CA ASN A 297 12.26 -7.40 42.41
C ASN A 297 12.72 -7.80 43.80
N GLU A 298 13.96 -7.47 44.16
CA GLU A 298 14.51 -7.86 45.46
C GLU A 298 13.78 -7.17 46.61
N SER A 299 13.51 -5.88 46.49
CA SER A 299 12.91 -5.10 47.56
C SER A 299 11.47 -4.72 47.28
N ASN A 300 10.88 -5.20 46.18
CA ASN A 300 9.51 -4.85 45.78
C ASN A 300 9.24 -3.36 45.93
N SER A 301 10.19 -2.54 45.48
CA SER A 301 10.10 -1.10 45.61
C SER A 301 10.25 -0.41 44.26
N LEU A 302 9.56 0.71 44.10
CA LEU A 302 9.75 1.61 42.95
C LEU A 302 10.59 2.80 43.37
N THR A 303 11.58 3.15 42.54
CA THR A 303 12.45 4.30 42.80
C THR A 303 12.29 5.33 41.68
N ILE A 304 12.27 6.61 42.06
CA ILE A 304 12.07 7.70 41.12
C ILE A 304 13.36 8.49 41.01
N TYR A 305 13.84 8.67 39.78
CA TYR A 305 15.01 9.49 39.46
C TYR A 305 14.59 10.65 38.60
N LYS A 306 15.27 11.78 38.77
CA LYS A 306 15.00 13.01 38.05
C LYS A 306 16.30 13.50 37.45
N PHE A 307 16.27 13.88 36.16
CA PHE A 307 17.47 14.42 35.53
C PHE A 307 17.55 15.92 35.80
N ASP A 308 18.71 16.36 36.27
CA ASP A 308 18.95 17.76 36.66
C ASP A 308 19.86 18.39 35.59
N LYS A 309 19.27 19.21 34.72
CA LYS A 309 20.08 19.77 33.65
C LYS A 309 21.13 20.76 34.15
N LYS A 310 21.03 21.23 35.40
CA LYS A 310 22.09 22.07 35.96
C LYS A 310 23.35 21.26 36.24
N THR A 311 23.22 20.11 36.92
CA THR A 311 24.37 19.25 37.17
C THR A 311 24.64 18.24 36.07
N LYS A 312 23.68 17.99 35.17
CA LYS A 312 23.77 16.98 34.10
C LYS A 312 23.84 15.54 34.62
N ASN A 313 23.18 15.22 35.75
CA ASN A 313 23.06 13.81 36.08
C ASN A 313 21.71 13.49 36.71
N TRP A 314 21.40 12.21 36.64
CA TRP A 314 20.26 11.62 37.29
C TRP A 314 20.52 11.47 38.79
N THR A 315 19.56 11.93 39.61
CA THR A 315 19.59 11.69 41.05
C THR A 315 18.23 11.18 41.53
N LYS A 316 18.30 10.23 42.47
CA LYS A 316 17.14 9.61 43.06
C LYS A 316 16.38 10.58 43.94
N ASP A 317 15.05 10.59 43.83
CA ASP A 317 14.22 11.39 44.72
C ASP A 317 13.97 10.59 46.00
N GLU A 318 14.63 10.98 47.09
CA GLU A 318 14.59 10.19 48.32
C GLU A 318 13.24 10.27 49.03
N GLU A 319 12.46 11.34 48.78
CA GLU A 319 11.15 11.52 49.39
C GLU A 319 10.08 10.60 48.81
N SER A 320 10.43 9.68 47.92
CA SER A 320 9.46 8.82 47.26
C SER A 320 9.74 7.38 47.66
N ALA A 321 9.23 6.98 48.82
CA ALA A 321 9.26 5.59 49.25
C ALA A 321 7.99 4.94 48.73
N LEU A 322 8.15 4.04 47.75
CA LEU A 322 7.03 3.37 47.10
C LEU A 322 7.32 1.88 47.11
N CYS A 323 6.65 1.14 47.99
CA CYS A 323 6.83 -0.30 48.13
C CYS A 323 5.50 -1.00 47.86
N LEU A 324 5.58 -2.18 47.27
CA LEU A 324 4.40 -3.02 47.04
C LEU A 324 4.20 -4.02 48.20
N ALA A 329 5.63 -12.29 42.42
CA ALA A 329 5.28 -11.15 41.57
C ALA A 329 6.55 -10.48 41.00
N ASP A 330 7.15 -11.11 39.97
CA ASP A 330 8.52 -10.78 39.55
C ASP A 330 8.57 -10.32 38.10
N PHE A 331 8.71 -9.00 37.92
CA PHE A 331 8.59 -8.36 36.63
C PHE A 331 9.93 -8.26 35.92
N THR A 332 9.88 -8.29 34.60
CA THR A 332 11.05 -8.24 33.73
C THR A 332 11.06 -7.05 32.79
N ASP A 333 9.99 -6.26 32.73
CA ASP A 333 9.92 -5.07 31.89
C ASP A 333 8.92 -4.12 32.51
N MET A 334 8.94 -2.86 32.07
CA MET A 334 7.94 -1.91 32.52
C MET A 334 7.86 -0.72 31.56
N ASP A 335 6.71 -0.05 31.60
CA ASP A 335 6.48 1.18 30.89
C ASP A 335 5.79 2.16 31.82
N VAL A 336 5.92 3.44 31.48
CA VAL A 336 5.40 4.53 32.31
C VAL A 336 4.56 5.45 31.45
N VAL A 337 3.47 5.94 32.03
CA VAL A 337 2.63 6.97 31.43
C VAL A 337 2.41 8.09 32.44
N CYS A 338 2.16 9.29 31.92
CA CYS A 338 1.97 10.44 32.80
C CYS A 338 1.18 11.59 32.16
N GLY A 339 -0.08 11.36 31.81
CA GLY A 339 -0.97 12.45 31.44
C GLY A 339 -1.40 13.24 32.66
N ASP A 340 -2.29 14.22 32.43
CA ASP A 340 -2.69 15.05 33.58
C ASP A 340 -3.64 14.32 34.53
N GLY A 341 -4.15 13.16 34.16
CA GLY A 341 -4.89 12.36 35.12
C GLY A 341 -4.07 11.59 36.12
N GLY A 342 -2.74 11.70 36.11
CA GLY A 342 -1.92 10.97 37.07
C GLY A 342 -0.92 10.00 36.48
N ILE A 343 0.20 9.81 37.18
CA ILE A 343 1.30 8.95 36.71
C ILE A 343 0.97 7.48 36.99
N ALA A 344 1.20 6.62 36.00
CA ALA A 344 1.00 5.18 36.17
C ALA A 344 2.21 4.41 35.66
N ALA A 345 2.54 3.33 36.37
CA ALA A 345 3.59 2.40 35.99
C ALA A 345 2.96 1.05 35.61
N ILE A 346 3.36 0.52 34.46
CA ILE A 346 2.83 -0.75 33.94
C ILE A 346 3.92 -1.79 34.15
N LEU A 347 3.77 -2.61 35.18
CA LEU A 347 4.75 -3.64 35.49
C LEU A 347 4.37 -4.96 34.81
N LYS A 348 5.34 -5.57 34.14
CA LYS A 348 5.10 -6.68 33.24
C LYS A 348 5.97 -7.88 33.57
N THR A 349 5.36 -9.05 33.68
CA THR A 349 6.09 -10.31 33.55
C THR A 349 6.05 -10.74 32.08
N ASN A 350 6.48 -11.96 31.79
CA ASN A 350 6.50 -12.38 30.40
C ASN A 350 5.13 -12.75 29.85
N ASP A 351 4.08 -12.69 30.65
CA ASP A 351 2.77 -13.06 30.18
C ASP A 351 1.64 -12.36 30.92
N SER A 352 1.94 -11.43 31.83
CA SER A 352 0.90 -10.73 32.55
C SER A 352 1.45 -9.38 32.97
N PHE A 353 0.55 -8.50 33.42
CA PHE A 353 0.96 -7.16 33.81
C PHE A 353 0.08 -6.60 34.91
N ASN A 354 0.66 -5.67 35.69
CA ASN A 354 -0.04 -4.97 36.75
C ASN A 354 0.10 -3.47 36.54
N ILE A 355 -1.02 -2.73 36.62
CA ILE A 355 -1.00 -1.28 36.51
C ILE A 355 -1.03 -0.68 37.91
N VAL A 356 -0.14 0.28 38.16
CA VAL A 356 0.06 0.86 39.48
C VAL A 356 -0.11 2.37 39.37
N ALA A 357 -1.16 2.90 39.98
CA ALA A 357 -1.34 4.35 40.05
C ALA A 357 -0.43 4.93 41.13
N LEU A 358 0.20 6.08 40.81
CA LEU A 358 1.13 6.76 41.70
C LEU A 358 0.64 8.18 41.94
N THR A 359 0.51 8.54 43.21
CA THR A 359 -0.08 9.81 43.59
C THR A 359 0.74 10.44 44.71
N PRO A 360 0.67 11.78 44.86
CA PRO A 360 1.45 12.45 45.91
C PRO A 360 0.99 12.10 47.31
N ALA B 1 -30.14 22.70 -12.66
CA ALA B 1 -29.10 21.82 -13.17
C ALA B 1 -29.73 20.47 -13.53
N VAL B 2 -29.36 19.94 -14.69
CA VAL B 2 -29.58 18.53 -14.97
C VAL B 2 -28.24 17.80 -14.81
N ALA B 3 -27.35 18.32 -13.94
CA ALA B 3 -26.10 17.61 -13.65
C ALA B 3 -25.39 18.20 -12.43
N ILE B 4 -24.85 17.31 -11.57
CA ILE B 4 -24.07 17.72 -10.40
C ILE B 4 -22.73 18.35 -10.84
N THR B 5 -22.16 19.14 -9.94
CA THR B 5 -20.92 19.86 -10.22
C THR B 5 -19.75 18.90 -10.38
N ARG B 6 -18.73 19.37 -11.10
CA ARG B 6 -17.51 18.58 -11.24
C ARG B 6 -16.88 18.26 -9.89
N GLU B 7 -16.95 19.19 -8.94
CA GLU B 7 -16.35 18.94 -7.63
C GLU B 7 -17.08 17.80 -6.91
N GLU B 8 -18.41 17.76 -7.02
CA GLU B 8 -19.18 16.66 -6.45
C GLU B 8 -18.93 15.37 -7.23
N PHE B 9 -18.90 15.46 -8.56
CA PHE B 9 -18.60 14.27 -9.36
C PHE B 9 -17.26 13.66 -8.92
N LEU B 10 -16.24 14.51 -8.76
CA LEU B 10 -14.90 14.01 -8.42
C LEU B 10 -14.89 13.36 -7.04
N GLN B 11 -15.65 13.92 -6.09
CA GLN B 11 -15.72 13.30 -4.77
C GLN B 11 -16.29 11.89 -4.84
N GLY B 12 -17.33 11.70 -5.66
CA GLY B 12 -17.91 10.39 -5.83
C GLY B 12 -16.98 9.43 -6.53
N LEU B 13 -16.16 9.95 -7.46
CA LEU B 13 -15.15 9.11 -8.11
C LEU B 13 -14.09 8.64 -7.11
N LEU B 14 -13.56 9.56 -6.30
CA LEU B 14 -12.58 9.18 -5.28
C LEU B 14 -13.17 8.18 -4.29
N GLN B 15 -14.42 8.42 -3.86
CA GLN B 15 -14.99 7.54 -2.84
C GLN B 15 -15.31 6.16 -3.41
N SER B 16 -15.81 6.09 -4.63
CA SER B 16 -16.10 4.78 -5.22
C SER B 16 -14.81 4.00 -5.47
N SER B 17 -13.75 4.68 -5.90
CA SER B 17 -12.48 3.98 -6.10
C SER B 17 -11.96 3.44 -4.78
N ARG B 18 -12.13 4.19 -3.69
CA ARG B 18 -11.64 3.74 -2.41
C ARG B 18 -12.48 2.58 -1.87
N ASP B 19 -13.81 2.64 -2.08
CA ASP B 19 -14.66 1.46 -1.82
C ASP B 19 -14.16 0.22 -2.53
N PHE B 20 -13.75 0.33 -3.80
CA PHE B 20 -13.17 -0.81 -4.50
C PHE B 20 -11.88 -1.25 -3.80
N VAL B 21 -11.04 -0.29 -3.41
CA VAL B 21 -9.77 -0.64 -2.80
C VAL B 21 -9.99 -1.36 -1.46
N ALA B 22 -11.00 -0.93 -0.70
CA ALA B 22 -11.29 -1.50 0.61
C ALA B 22 -11.78 -2.95 0.55
N ARG B 23 -12.08 -3.47 -0.65
CA ARG B 23 -12.47 -4.87 -0.75
C ARG B 23 -11.30 -5.85 -0.56
N GLY B 24 -10.06 -5.41 -0.71
CA GLY B 24 -8.97 -6.31 -0.40
C GLY B 24 -7.94 -6.35 -1.49
N LYS B 25 -6.94 -7.22 -1.30
CA LYS B 25 -5.88 -7.39 -2.29
C LYS B 25 -6.32 -8.40 -3.34
N LEU B 26 -6.15 -8.05 -4.61
CA LEU B 26 -6.42 -8.99 -5.67
C LEU B 26 -5.48 -10.19 -5.55
N LYS B 27 -6.01 -11.37 -5.84
CA LYS B 27 -5.26 -12.62 -5.80
C LYS B 27 -4.69 -12.91 -7.17
N ALA B 28 -3.61 -13.69 -7.18
CA ALA B 28 -3.01 -14.14 -8.42
C ALA B 28 -3.01 -15.66 -8.48
N PRO B 29 -3.45 -16.26 -9.58
CA PRO B 29 -3.35 -17.72 -9.70
C PRO B 29 -1.93 -18.11 -10.03
N LYS B 30 -1.48 -19.22 -9.46
CA LYS B 30 -0.20 -19.80 -9.84
C LYS B 30 -0.44 -20.75 -11.00
N TRP B 31 0.16 -20.44 -12.13
CA TRP B 31 0.00 -21.28 -13.30
C TRP B 31 0.66 -22.64 -13.04
N PRO B 32 -0.02 -23.74 -13.34
CA PRO B 32 0.61 -25.06 -13.20
C PRO B 32 1.55 -25.33 -14.37
N ILE B 33 2.27 -26.44 -14.26
CA ILE B 33 3.04 -26.94 -15.40
C ILE B 33 2.07 -27.37 -16.49
N LEU B 34 2.27 -26.81 -17.69
CA LEU B 34 1.35 -27.01 -18.80
C LEU B 34 1.97 -27.96 -19.81
N LYS B 35 1.26 -29.07 -20.11
CA LYS B 35 1.76 -30.07 -21.03
C LYS B 35 0.83 -30.40 -22.18
N ASN B 36 -0.45 -30.03 -22.13
CA ASN B 36 -1.40 -30.40 -23.17
C ASN B 36 -2.15 -29.19 -23.68
N LEU B 37 -2.60 -29.28 -24.92
CA LEU B 37 -3.39 -28.27 -25.57
C LEU B 37 -4.44 -28.85 -26.47
N GLU B 38 -5.35 -28.00 -26.95
CA GLU B 38 -6.48 -28.44 -27.74
C GLU B 38 -7.13 -27.28 -28.53
N LEU B 39 -7.06 -27.31 -29.84
CA LEU B 39 -7.70 -26.27 -30.62
C LEU B 39 -9.18 -26.24 -30.37
N LEU B 40 -9.62 -25.17 -29.76
CA LEU B 40 -11.02 -25.00 -29.40
C LEU B 40 -11.89 -24.78 -30.64
N GLN B 41 -11.86 -23.57 -31.18
CA GLN B 41 -12.64 -23.24 -32.36
C GLN B 41 -11.95 -22.17 -33.20
N ALA B 42 -12.39 -22.03 -34.45
CA ALA B 42 -11.81 -21.04 -35.36
C ALA B 42 -12.95 -20.30 -36.05
N GLN B 43 -13.06 -19.00 -35.76
CA GLN B 43 -14.10 -18.16 -36.34
C GLN B 43 -13.48 -16.99 -37.10
N ASN B 44 -14.28 -16.42 -38.00
CA ASN B 44 -13.97 -15.14 -38.61
C ASN B 44 -14.30 -14.00 -37.66
N TYR B 45 -13.57 -12.89 -37.80
CA TYR B 45 -13.88 -11.69 -37.03
C TYR B 45 -13.27 -10.48 -37.72
N SER B 46 -13.85 -9.31 -37.45
CA SER B 46 -13.37 -8.04 -37.98
C SER B 46 -12.21 -7.55 -37.10
N ARG B 47 -10.99 -7.79 -37.57
CA ARG B 47 -9.80 -7.37 -36.80
C ARG B 47 -9.70 -5.85 -36.69
N ASN B 48 -10.23 -5.11 -37.65
CA ASN B 48 -10.21 -3.65 -37.61
C ASN B 48 -11.07 -3.07 -36.49
N ILE B 49 -11.79 -3.91 -35.77
CA ILE B 49 -12.63 -3.47 -34.65
C ILE B 49 -11.82 -3.70 -33.39
N LYS B 50 -11.29 -2.63 -32.82
CA LYS B 50 -10.51 -2.72 -31.59
C LYS B 50 -11.44 -2.87 -30.39
N THR B 51 -11.04 -3.69 -29.42
CA THR B 51 -11.85 -3.94 -28.22
C THR B 51 -10.94 -3.97 -27.01
N PHE B 52 -11.34 -3.28 -25.95
CA PHE B 52 -10.61 -3.27 -24.70
C PHE B 52 -11.18 -4.33 -23.77
N PRO B 53 -10.38 -5.28 -23.31
CA PRO B 53 -10.92 -6.36 -22.49
C PRO B 53 -11.57 -5.84 -21.21
N TYR B 54 -12.71 -6.45 -20.86
CA TYR B 54 -13.51 -6.06 -19.69
C TYR B 54 -13.06 -6.85 -18.46
N LYS B 55 -12.85 -6.16 -17.35
CA LYS B 55 -12.38 -6.76 -16.11
C LYS B 55 -13.50 -6.80 -15.07
N GLU B 56 -13.47 -7.81 -14.22
CA GLU B 56 -14.56 -8.04 -13.26
C GLU B 56 -14.02 -8.79 -12.04
N LEU B 57 -14.15 -8.19 -10.86
CA LEU B 57 -13.64 -8.79 -9.64
C LEU B 57 -14.58 -9.88 -9.17
N ASN B 58 -14.11 -11.13 -9.10
CA ASN B 58 -15.03 -12.22 -8.78
C ASN B 58 -15.05 -12.50 -7.28
N LYS B 59 -15.91 -13.45 -6.88
CA LYS B 59 -16.14 -13.71 -5.45
C LYS B 59 -14.93 -14.29 -4.74
N SER B 60 -13.92 -14.79 -5.47
CA SER B 60 -12.67 -15.26 -4.86
C SER B 60 -11.56 -14.20 -4.81
N MET B 61 -11.89 -12.92 -4.99
CA MET B 61 -10.93 -11.81 -5.00
C MET B 61 -9.92 -11.88 -6.15
N TYR B 62 -10.23 -12.57 -7.23
CA TYR B 62 -9.39 -12.55 -8.43
C TYR B 62 -10.01 -11.63 -9.47
N TYR B 63 -9.19 -10.88 -10.20
CA TYR B 63 -9.69 -9.84 -11.10
C TYR B 63 -9.80 -10.43 -12.51
N ASP B 64 -10.97 -10.97 -12.84
CA ASP B 64 -11.12 -11.67 -14.11
C ASP B 64 -10.97 -10.74 -15.30
N LYS B 65 -10.43 -11.28 -16.39
CA LYS B 65 -10.22 -10.55 -17.64
C LYS B 65 -10.99 -11.25 -18.74
N TRP B 66 -12.00 -10.57 -19.29
CA TRP B 66 -12.83 -11.09 -20.38
C TRP B 66 -12.30 -10.50 -21.70
N VAL B 67 -11.71 -11.36 -22.55
CA VAL B 67 -11.25 -10.96 -23.87
C VAL B 67 -12.40 -11.15 -24.84
N CYS B 68 -12.50 -10.28 -25.86
CA CYS B 68 -13.67 -10.25 -26.73
C CYS B 68 -13.30 -9.91 -28.18
N MET B 69 -13.97 -10.58 -29.14
CA MET B 69 -13.78 -10.37 -30.57
C MET B 69 -15.12 -10.15 -31.26
N CYS B 70 -15.15 -9.23 -32.23
CA CYS B 70 -16.38 -8.83 -32.92
C CYS B 70 -16.31 -9.11 -34.42
N ARG B 71 -17.42 -9.60 -34.97
CA ARG B 71 -17.57 -9.84 -36.41
C ARG B 71 -18.78 -9.05 -36.91
N CYS B 72 -18.54 -8.13 -37.83
CA CYS B 72 -19.58 -7.21 -38.28
C CYS B 72 -20.33 -7.77 -39.49
N ASP B 74 -22.92 -9.03 -41.04
CA ASP B 74 -23.92 -8.69 -42.04
C ASP B 74 -25.15 -8.03 -41.42
N GLY B 75 -25.20 -6.70 -41.44
CA GLY B 75 -26.31 -5.98 -40.84
C GLY B 75 -26.64 -6.44 -39.44
N ALA B 76 -25.62 -6.93 -38.72
CA ALA B 76 -25.70 -7.38 -37.34
C ALA B 76 -24.29 -7.68 -36.85
N LEU B 77 -24.13 -7.60 -35.53
CA LEU B 77 -22.84 -7.83 -34.88
C LEU B 77 -22.86 -9.15 -34.14
N HIS B 78 -21.75 -9.89 -34.23
CA HIS B 78 -21.56 -11.17 -33.55
C HIS B 78 -20.33 -11.07 -32.65
N PHE B 79 -20.51 -11.36 -31.36
CA PHE B 79 -19.47 -11.18 -30.36
C PHE B 79 -19.07 -12.50 -29.73
N THR B 80 -17.77 -12.79 -29.71
CA THR B 80 -17.24 -13.93 -28.99
C THR B 80 -16.44 -13.43 -27.80
N GLN B 81 -16.67 -14.02 -26.63
CA GLN B 81 -15.96 -13.58 -25.43
C GLN B 81 -15.71 -14.77 -24.54
N LEU B 82 -14.73 -14.62 -23.63
CA LEU B 82 -14.31 -15.65 -22.70
C LEU B 82 -13.32 -15.06 -21.71
N LYS B 83 -13.31 -15.65 -20.50
CA LYS B 83 -12.28 -15.36 -19.52
C LYS B 83 -11.43 -16.57 -19.20
N ASP B 84 -11.79 -17.74 -19.72
CA ASP B 84 -11.05 -18.99 -19.55
C ASP B 84 -11.61 -19.99 -20.56
N SER B 85 -11.15 -21.24 -20.45
CA SER B 85 -11.52 -22.27 -21.43
C SER B 85 -13.01 -22.56 -21.44
N LYS B 86 -13.70 -22.37 -20.30
CA LYS B 86 -15.03 -22.92 -20.10
C LYS B 86 -16.13 -21.86 -20.18
N THR B 87 -15.83 -20.65 -20.63
CA THR B 87 -16.82 -19.59 -20.63
C THR B 87 -17.00 -18.96 -22.01
N ILE B 88 -16.60 -19.66 -23.07
CA ILE B 88 -16.74 -19.11 -24.42
C ILE B 88 -18.21 -18.92 -24.76
N THR B 89 -18.54 -17.75 -25.29
CA THR B 89 -19.92 -17.39 -25.60
C THR B 89 -19.93 -16.55 -26.88
N THR B 90 -20.98 -16.72 -27.69
CA THR B 90 -21.18 -15.88 -28.86
C THR B 90 -22.60 -15.34 -28.90
N ILE B 91 -22.73 -14.01 -28.95
CA ILE B 91 -24.04 -13.38 -28.95
C ILE B 91 -24.24 -12.60 -30.24
N THR B 92 -25.50 -12.35 -30.56
CA THR B 92 -25.88 -11.69 -31.79
C THR B 92 -26.73 -10.46 -31.46
N THR B 93 -26.34 -9.33 -32.02
CA THR B 93 -27.00 -8.05 -31.76
C THR B 93 -27.19 -7.33 -33.09
N PRO B 94 -28.08 -6.34 -33.15
CA PRO B 94 -28.21 -5.55 -34.37
C PRO B 94 -26.99 -4.70 -34.67
N ASN B 95 -26.80 -4.40 -35.95
CA ASN B 95 -25.83 -3.42 -36.41
C ASN B 95 -26.55 -2.09 -36.57
N PRO B 96 -26.35 -1.13 -35.69
CA PRO B 96 -27.17 0.09 -35.70
C PRO B 96 -26.76 1.11 -36.76
N ARG B 97 -26.05 0.67 -37.80
CA ARG B 97 -25.65 1.56 -38.88
C ARG B 97 -26.03 0.96 -40.23
N GLU B 101 -19.88 -0.24 -42.70
CA GLU B 101 -19.89 0.75 -41.63
C GLU B 101 -19.56 0.08 -40.30
N HIS B 102 -18.27 -0.22 -40.08
CA HIS B 102 -17.83 -0.90 -38.88
C HIS B 102 -17.61 0.10 -37.74
N PRO B 103 -17.86 -0.29 -36.49
CA PRO B 103 -17.41 0.52 -35.37
C PRO B 103 -15.90 0.47 -35.24
N ALA B 104 -15.31 1.58 -34.78
CA ALA B 104 -13.86 1.64 -34.60
C ALA B 104 -13.40 1.07 -33.26
N ILE B 105 -14.22 1.16 -32.23
CA ILE B 105 -13.91 0.59 -30.92
C ILE B 105 -15.18 0.04 -30.32
N ILE B 106 -15.08 -1.12 -29.68
CA ILE B 106 -16.17 -1.70 -28.95
C ILE B 106 -15.68 -2.01 -27.54
N SER B 107 -16.45 -1.62 -26.53
CA SER B 107 -16.15 -1.89 -25.13
C SER B 107 -17.41 -2.30 -24.38
N ARG B 108 -17.22 -3.07 -23.32
CA ARG B 108 -18.33 -3.43 -22.45
C ARG B 108 -18.48 -2.38 -21.35
N GLY B 109 -19.71 -2.27 -20.82
CA GLY B 109 -19.96 -1.54 -19.62
C GLY B 109 -20.83 -2.38 -18.68
N PRO B 110 -21.09 -1.86 -17.49
CA PRO B 110 -21.98 -2.58 -16.54
C PRO B 110 -23.41 -2.73 -17.08
N CYS B 111 -24.17 -3.61 -16.43
CA CYS B 111 -25.57 -3.90 -16.81
C CYS B 111 -25.70 -4.24 -18.29
N ASN B 112 -24.89 -5.20 -18.75
CA ASN B 112 -24.95 -5.73 -20.11
C ASN B 112 -25.02 -4.62 -21.17
N ARG B 113 -24.17 -3.61 -21.02
CA ARG B 113 -24.05 -2.55 -22.02
C ARG B 113 -22.92 -2.84 -22.97
N LEU B 114 -23.14 -2.52 -24.25
CA LEU B 114 -22.12 -2.51 -25.29
C LEU B 114 -21.93 -1.09 -25.79
N LEU B 115 -20.69 -0.60 -25.79
CA LEU B 115 -20.39 0.75 -26.23
C LEU B 115 -19.77 0.69 -27.63
N LEU B 116 -20.40 1.38 -28.58
CA LEU B 116 -20.01 1.30 -29.99
C LEU B 116 -19.51 2.66 -30.46
N LEU B 117 -18.21 2.78 -30.67
CA LEU B 117 -17.63 4.03 -31.17
C LEU B 117 -17.58 3.96 -32.68
N TYR B 118 -18.15 4.98 -33.32
CA TYR B 118 -18.14 5.15 -34.77
C TYR B 118 -17.35 6.40 -35.12
N PRO B 119 -16.67 6.41 -36.26
CA PRO B 119 -15.92 7.60 -36.69
C PRO B 119 -16.78 8.85 -36.67
N GLY B 120 -16.14 9.99 -36.40
CA GLY B 120 -16.91 11.17 -36.07
C GLY B 120 -17.28 11.26 -34.62
N ASN B 121 -16.78 10.33 -33.80
CA ASN B 121 -16.93 10.36 -32.34
C ASN B 121 -18.39 10.33 -31.93
N GLN B 122 -19.17 9.45 -32.57
CA GLN B 122 -20.52 9.11 -32.14
C GLN B 122 -20.52 7.74 -31.48
N ILE B 123 -21.17 7.64 -30.32
CA ILE B 123 -21.16 6.42 -29.54
C ILE B 123 -22.59 5.95 -29.42
N THR B 124 -22.84 4.72 -29.88
CA THR B 124 -24.11 4.04 -29.66
C THR B 124 -23.96 3.03 -28.54
N ILE B 125 -24.93 2.98 -27.63
CA ILE B 125 -24.96 2.05 -26.52
C ILE B 125 -26.10 1.07 -26.69
N LEU B 126 -25.76 -0.20 -26.85
CA LEU B 126 -26.72 -1.29 -26.97
C LEU B 126 -26.85 -2.04 -25.66
N ASP B 127 -28.04 -2.58 -25.41
CA ASP B 127 -28.22 -3.58 -24.37
C ASP B 127 -28.06 -4.96 -25.00
N SER B 128 -27.12 -5.74 -24.49
CA SER B 128 -26.79 -7.03 -25.11
C SER B 128 -27.73 -8.16 -24.69
N LYS B 129 -28.72 -7.89 -23.85
CA LYS B 129 -29.71 -8.92 -23.55
C LYS B 129 -31.08 -8.59 -24.10
N THR B 130 -31.43 -7.32 -24.23
CA THR B 130 -32.70 -6.93 -24.85
C THR B 130 -32.54 -6.54 -26.31
N ASN B 131 -31.30 -6.37 -26.78
CA ASN B 131 -30.96 -6.04 -28.16
C ASN B 131 -31.49 -4.69 -28.59
N LYS B 132 -31.86 -3.85 -27.63
CA LYS B 132 -32.40 -2.53 -27.94
C LYS B 132 -31.31 -1.47 -27.84
N VAL B 133 -31.50 -0.40 -28.60
CA VAL B 133 -30.59 0.74 -28.53
C VAL B 133 -30.99 1.60 -27.35
N LEU B 134 -30.02 1.95 -26.51
CA LEU B 134 -30.25 2.79 -25.35
C LEU B 134 -29.88 4.24 -25.59
N ARG B 135 -28.72 4.49 -26.17
CA ARG B 135 -28.21 5.85 -26.30
C ARG B 135 -27.52 6.03 -27.63
N GLU B 136 -27.55 7.26 -28.12
CA GLU B 136 -26.71 7.70 -29.22
C GLU B 136 -26.06 9.00 -28.78
N ILE B 137 -24.76 8.97 -28.51
CA ILE B 137 -24.05 10.07 -27.89
C ILE B 137 -23.12 10.70 -28.90
N GLU B 138 -23.11 12.03 -28.95
CA GLU B 138 -22.14 12.81 -29.71
C GLU B 138 -21.12 13.38 -28.73
N VAL B 139 -19.84 13.15 -28.99
CA VAL B 139 -18.77 13.72 -28.19
C VAL B 139 -18.21 14.92 -28.93
N ASP B 140 -18.23 16.09 -28.29
CA ASP B 140 -17.71 17.33 -28.87
C ASP B 140 -16.19 17.31 -28.72
N SER B 141 -15.53 16.83 -29.77
CA SER B 141 -14.07 16.75 -29.81
C SER B 141 -13.67 16.52 -31.25
N ALA B 142 -12.86 17.42 -31.80
CA ALA B 142 -12.45 17.36 -33.20
C ALA B 142 -11.31 16.38 -33.44
N ASN B 143 -10.87 15.68 -32.40
CA ASN B 143 -9.79 14.72 -32.53
C ASN B 143 -10.34 13.31 -32.30
N GLU B 144 -9.73 12.36 -32.98
CA GLU B 144 -10.18 10.99 -32.93
C GLU B 144 -10.05 10.42 -31.51
N ILE B 145 -11.11 9.79 -31.02
CA ILE B 145 -11.06 9.07 -29.74
C ILE B 145 -10.30 7.76 -29.93
N ILE B 146 -9.29 7.55 -29.09
CA ILE B 146 -8.45 6.36 -29.21
C ILE B 146 -8.53 5.46 -27.97
N TYR B 147 -9.49 5.70 -27.08
CA TYR B 147 -9.65 4.90 -25.87
C TYR B 147 -11.08 5.07 -25.37
N MET B 148 -11.71 3.97 -24.98
CA MET B 148 -13.07 4.01 -24.46
C MET B 148 -13.30 2.79 -23.57
N TYR B 149 -13.83 2.99 -22.37
CA TYR B 149 -13.80 1.91 -21.38
C TYR B 149 -14.72 2.21 -20.21
N GLY B 150 -15.41 1.19 -19.72
CA GLY B 150 -16.21 1.28 -18.51
C GLY B 150 -15.77 0.31 -17.41
N HIS B 151 -15.53 0.85 -16.22
CA HIS B 151 -15.09 0.04 -15.09
C HIS B 151 -16.30 -0.71 -14.53
N ASN B 152 -16.13 -2.00 -14.26
CA ASN B 152 -17.24 -2.78 -13.69
C ASN B 152 -17.57 -2.40 -12.25
N GLU B 153 -16.67 -1.74 -11.52
CA GLU B 153 -16.95 -1.54 -10.09
C GLU B 153 -16.81 -0.11 -9.59
N VAL B 154 -15.96 0.68 -10.23
CA VAL B 154 -15.68 2.05 -9.80
C VAL B 154 -16.47 3.02 -10.66
N ASN B 155 -17.30 3.84 -10.03
CA ASN B 155 -17.97 4.98 -10.69
C ASN B 155 -18.79 4.49 -11.87
N THR B 156 -19.64 3.50 -11.62
CA THR B 156 -20.30 2.72 -12.66
C THR B 156 -21.49 3.44 -13.30
N GLU B 157 -21.73 4.69 -12.98
CA GLU B 157 -22.65 5.51 -13.76
C GLU B 157 -21.98 6.13 -14.98
N TYR B 158 -20.67 5.99 -15.15
CA TYR B 158 -19.95 6.71 -16.19
C TYR B 158 -18.94 5.80 -16.87
N PHE B 159 -18.64 6.11 -18.14
CA PHE B 159 -17.49 5.48 -18.77
C PHE B 159 -16.46 6.58 -19.11
N ILE B 160 -15.30 6.16 -19.62
CA ILE B 160 -14.16 7.03 -19.84
C ILE B 160 -13.79 6.98 -21.31
N TRP B 161 -13.45 8.14 -21.88
CA TRP B 161 -12.87 8.17 -23.21
C TRP B 161 -11.72 9.16 -23.26
N ALA B 162 -10.74 8.88 -24.12
CA ALA B 162 -9.63 9.79 -24.37
C ALA B 162 -9.46 9.96 -25.87
N ASP B 163 -8.98 11.14 -26.30
CA ASP B 163 -8.69 11.34 -27.71
C ASP B 163 -7.19 11.32 -27.95
N ASN B 164 -6.80 11.40 -29.23
CA ASN B 164 -5.39 11.25 -29.54
C ASN B 164 -4.55 12.46 -29.15
N ARG B 165 -5.16 13.52 -28.63
CA ARG B 165 -4.41 14.69 -28.17
C ARG B 165 -4.36 14.81 -26.66
N GLY B 166 -4.96 13.88 -25.92
CA GLY B 166 -4.95 13.95 -24.48
C GLY B 166 -6.17 14.60 -23.83
N THR B 167 -7.23 14.87 -24.59
CA THR B 167 -8.52 15.17 -24.00
C THR B 167 -9.10 13.91 -23.34
N ILE B 168 -9.49 14.02 -22.08
CA ILE B 168 -10.02 12.90 -21.29
C ILE B 168 -11.34 13.32 -20.67
N GLY B 169 -12.40 12.53 -20.89
CA GLY B 169 -13.71 12.82 -20.34
C GLY B 169 -14.38 11.63 -19.70
N PHE B 170 -15.34 11.93 -18.83
CA PHE B 170 -16.26 10.95 -18.26
C PHE B 170 -17.66 11.23 -18.82
N GLN B 171 -18.37 10.17 -19.23
CA GLN B 171 -19.69 10.31 -19.85
C GLN B 171 -20.70 9.42 -19.14
N SER B 172 -21.88 9.96 -18.85
CA SER B 172 -22.92 9.17 -18.21
C SER B 172 -23.53 8.14 -19.18
N TYR B 173 -23.77 6.93 -18.67
CA TYR B 173 -24.52 5.95 -19.46
C TYR B 173 -25.96 6.39 -19.70
N GLU B 174 -26.56 7.07 -18.73
CA GLU B 174 -28.00 7.27 -18.72
C GLU B 174 -28.45 8.67 -19.09
N ASP B 175 -27.79 9.70 -18.60
CA ASP B 175 -28.16 11.05 -18.91
C ASP B 175 -27.05 11.68 -19.77
N ASP B 176 -26.96 13.01 -19.74
CA ASP B 176 -26.06 13.73 -20.61
C ASP B 176 -24.90 14.39 -19.87
N SER B 177 -24.80 14.17 -18.55
CA SER B 177 -23.72 14.76 -17.77
C SER B 177 -22.37 14.22 -18.25
N GLN B 178 -21.42 15.13 -18.44
CA GLN B 178 -20.09 14.79 -18.91
C GLN B 178 -19.09 15.66 -18.14
N TYR B 179 -17.89 15.13 -17.96
CA TYR B 179 -16.83 15.91 -17.29
C TYR B 179 -15.52 15.66 -18.01
N ILE B 180 -14.94 16.75 -18.54
CA ILE B 180 -13.62 16.75 -19.14
C ILE B 180 -12.61 17.05 -18.03
N VAL B 181 -11.78 16.08 -17.72
CA VAL B 181 -10.78 16.25 -16.66
C VAL B 181 -9.41 16.63 -17.24
N HIS B 182 -9.19 16.40 -18.54
CA HIS B 182 -7.96 16.81 -19.20
C HIS B 182 -8.23 17.30 -20.61
N SER B 183 -7.60 18.41 -20.97
CA SER B 183 -7.82 19.10 -22.23
C SER B 183 -6.63 18.87 -23.15
N ALA B 184 -6.88 19.00 -24.46
CA ALA B 184 -5.84 18.75 -25.45
C ALA B 184 -4.72 19.80 -25.39
N ASP B 187 0.67 18.96 -29.08
CA ASP B 187 2.02 18.46 -29.38
C ASP B 187 2.24 16.95 -29.09
N VAL B 188 1.17 16.16 -29.01
CA VAL B 188 1.28 14.72 -28.84
C VAL B 188 0.34 14.07 -29.83
N GLU B 189 0.53 12.76 -30.04
CA GLU B 189 -0.46 11.94 -30.74
C GLU B 189 -0.46 10.53 -30.14
N TYR B 190 -1.52 10.21 -29.41
CA TYR B 190 -1.67 8.88 -28.83
C TYR B 190 -2.48 7.98 -29.75
N SER B 191 -2.22 6.67 -29.62
CA SER B 191 -2.98 5.65 -30.32
C SER B 191 -3.78 4.72 -29.41
N SER B 192 -3.55 4.73 -28.10
CA SER B 192 -4.31 3.86 -27.20
C SER B 192 -4.07 4.27 -25.75
N GLY B 193 -4.64 3.48 -24.83
CA GLY B 193 -4.51 3.75 -23.40
C GLY B 193 -4.90 2.54 -22.58
N VAL B 194 -4.67 2.65 -21.27
CA VAL B 194 -4.99 1.58 -20.32
C VAL B 194 -5.23 2.20 -18.95
N LEU B 195 -6.29 1.75 -18.29
CA LEU B 195 -6.70 2.30 -17.00
C LEU B 195 -6.12 1.47 -15.86
N HIS B 196 -5.60 2.15 -14.83
CA HIS B 196 -5.18 1.47 -13.62
C HIS B 196 -6.42 0.89 -12.91
N LYS B 197 -6.20 -0.20 -12.17
CA LYS B 197 -7.31 -0.97 -11.62
C LYS B 197 -8.24 -0.13 -10.75
N ASP B 198 -7.72 0.87 -10.06
CA ASP B 198 -8.60 1.68 -9.22
C ASP B 198 -9.14 2.91 -9.93
N SER B 199 -8.90 3.04 -11.24
CA SER B 199 -9.60 4.01 -12.11
C SER B 199 -9.28 5.47 -11.78
N LEU B 200 -8.11 5.73 -11.20
CA LEU B 200 -7.64 7.09 -10.97
C LEU B 200 -6.49 7.49 -11.88
N LEU B 201 -5.71 6.53 -12.35
CA LEU B 201 -4.57 6.81 -13.25
C LEU B 201 -4.88 6.24 -14.63
N LEU B 202 -4.62 7.02 -15.65
CA LEU B 202 -4.83 6.57 -17.03
C LEU B 202 -3.55 6.80 -17.79
N ALA B 203 -2.99 5.74 -18.37
CA ALA B 203 -1.83 5.88 -19.23
C ALA B 203 -2.27 6.00 -20.70
N LEU B 204 -1.74 7.01 -21.40
CA LEU B 204 -1.91 7.13 -22.84
C LEU B 204 -0.56 7.01 -23.53
N TYR B 205 -0.53 6.37 -24.69
CA TYR B 205 0.75 6.01 -25.28
C TYR B 205 0.61 5.82 -26.79
N SER B 206 1.76 5.77 -27.46
CA SER B 206 1.88 5.58 -28.89
C SER B 206 3.11 4.71 -29.16
N PRO B 207 3.16 4.04 -30.31
CA PRO B 207 4.29 3.12 -30.55
C PRO B 207 5.64 3.78 -30.64
N ASP B 208 5.70 5.08 -30.91
CA ASP B 208 7.00 5.73 -31.03
C ASP B 208 7.72 5.82 -29.70
N GLY B 209 7.01 5.76 -28.58
CA GLY B 209 7.68 5.76 -27.30
C GLY B 209 7.13 6.76 -26.30
N ILE B 210 6.07 7.47 -26.69
CA ILE B 210 5.38 8.40 -25.81
C ILE B 210 4.57 7.62 -24.78
N LEU B 211 4.80 7.88 -23.50
CA LEU B 211 4.01 7.23 -22.44
C LEU B 211 3.72 8.27 -21.36
N ASP B 212 2.46 8.69 -21.30
CA ASP B 212 2.01 9.78 -20.44
C ASP B 212 0.94 9.26 -19.50
N VAL B 213 1.11 9.48 -18.19
CA VAL B 213 0.19 8.99 -17.17
C VAL B 213 -0.57 10.16 -16.56
N TYR B 214 -1.90 10.07 -16.54
CA TYR B 214 -2.77 11.15 -16.12
C TYR B 214 -3.52 10.80 -14.83
N ASN B 215 -3.68 11.80 -13.97
CA ASN B 215 -4.50 11.69 -12.77
C ASN B 215 -5.93 12.09 -13.11
N LEU B 216 -6.84 11.12 -13.13
CA LEU B 216 -8.21 11.44 -13.51
C LEU B 216 -8.95 12.22 -12.42
N SER B 217 -8.36 12.35 -11.24
CA SER B 217 -9.03 12.97 -10.09
C SER B 217 -8.61 14.41 -9.82
N SER B 218 -7.57 14.93 -10.48
CA SER B 218 -7.25 16.36 -10.36
C SER B 218 -7.22 16.97 -11.76
N PRO B 219 -8.25 17.70 -12.14
CA PRO B 219 -8.35 18.22 -13.50
C PRO B 219 -7.14 19.06 -13.88
N ASP B 220 -6.57 18.78 -15.05
CA ASP B 220 -5.48 19.54 -15.67
C ASP B 220 -4.13 19.40 -14.98
N GLN B 221 -3.98 18.49 -14.02
CA GLN B 221 -2.67 18.28 -13.41
C GLN B 221 -1.70 17.75 -14.45
N ALA B 222 -0.48 18.26 -14.43
CA ALA B 222 0.50 17.89 -15.45
C ALA B 222 0.77 16.39 -15.38
N SER B 223 0.81 15.74 -16.55
CA SER B 223 0.96 14.29 -16.60
C SER B 223 2.42 13.91 -16.40
N SER B 224 2.67 12.60 -16.25
CA SER B 224 3.99 12.06 -15.95
C SER B 224 4.49 11.27 -17.14
N ARG B 225 5.60 11.70 -17.71
CA ARG B 225 6.15 11.04 -18.89
C ARG B 225 7.22 10.04 -18.49
N PHE B 226 7.09 8.81 -18.97
CA PHE B 226 7.98 7.71 -18.61
C PHE B 226 8.91 7.40 -19.78
N PRO B 227 10.23 7.43 -19.59
CA PRO B 227 11.16 7.29 -20.71
C PRO B 227 11.23 5.87 -21.25
N VAL B 228 10.96 5.73 -22.55
CA VAL B 228 11.17 4.49 -23.30
C VAL B 228 12.04 4.82 -24.51
N ASP B 229 12.90 3.88 -24.89
CA ASP B 229 13.71 4.00 -26.11
C ASP B 229 12.92 3.61 -27.36
N ALA B 232 13.36 1.22 -29.52
CA ALA B 232 12.30 0.40 -28.95
C ALA B 232 10.91 0.95 -29.26
N LYS B 233 10.01 0.05 -29.64
CA LYS B 233 8.67 0.39 -30.10
C LYS B 233 7.62 -0.30 -29.22
N ILE B 234 6.63 0.46 -28.77
CA ILE B 234 5.62 -0.01 -27.83
C ILE B 234 4.50 -0.69 -28.58
N LYS B 235 4.09 -1.88 -28.12
CA LYS B 235 2.88 -2.51 -28.61
C LYS B 235 1.73 -2.54 -27.61
N GLU B 236 2.00 -2.44 -26.30
CA GLU B 236 0.93 -2.33 -25.30
C GLU B 236 1.48 -1.89 -23.94
N VAL B 237 0.64 -1.21 -23.16
CA VAL B 237 0.94 -0.86 -21.78
C VAL B 237 -0.12 -1.50 -20.88
N LYS B 238 0.32 -2.02 -19.73
CA LYS B 238 -0.57 -2.65 -18.76
C LYS B 238 -0.20 -2.19 -17.36
N PHE B 239 -1.21 -2.05 -16.51
CA PHE B 239 -0.99 -1.87 -15.07
C PHE B 239 -1.20 -3.24 -14.41
N ALA B 240 -0.20 -3.72 -13.70
CA ALA B 240 -0.34 -5.02 -13.07
C ALA B 240 -1.28 -4.94 -11.87
N ASP B 241 -1.87 -6.09 -11.54
CA ASP B 241 -2.80 -6.17 -10.41
C ASP B 241 -2.16 -5.85 -9.07
N ASN B 242 -0.83 -5.83 -8.97
CA ASN B 242 -0.23 -5.44 -7.69
C ASN B 242 -0.39 -3.95 -7.43
N GLY B 243 -0.72 -3.17 -8.47
CA GLY B 243 -1.08 -1.78 -8.31
C GLY B 243 0.03 -0.77 -8.42
N TYR B 244 1.29 -1.20 -8.55
CA TYR B 244 2.41 -0.27 -8.65
C TYR B 244 3.42 -0.64 -9.74
N TRP B 245 3.20 -1.71 -10.49
CA TRP B 245 3.94 -2.00 -11.71
C TRP B 245 3.21 -1.44 -12.92
N MET B 246 3.94 -0.81 -13.82
CA MET B 246 3.40 -0.48 -15.15
C MET B 246 4.29 -1.16 -16.20
N VAL B 247 3.72 -2.12 -16.92
CA VAL B 247 4.44 -3.00 -17.82
C VAL B 247 4.30 -2.49 -19.26
N VAL B 248 5.42 -2.17 -19.90
CA VAL B 248 5.45 -1.75 -21.29
C VAL B 248 5.92 -2.96 -22.10
N GLU B 249 5.00 -3.60 -22.80
CA GLU B 249 5.36 -4.65 -23.75
C GLU B 249 5.86 -4.00 -25.04
N CYS B 250 7.13 -4.19 -25.35
CA CYS B 250 7.72 -3.70 -26.59
C CYS B 250 7.87 -4.88 -27.55
N ASP B 251 8.45 -4.62 -28.73
CA ASP B 251 8.47 -5.65 -29.76
C ASP B 251 9.41 -6.80 -29.40
N GLN B 252 10.58 -6.50 -28.85
CA GLN B 252 11.49 -7.54 -28.41
C GLN B 252 11.90 -7.43 -26.95
N THR B 253 11.45 -6.38 -26.24
CA THR B 253 11.84 -6.12 -24.86
C THR B 253 10.60 -5.86 -24.01
N VAL B 254 10.71 -6.11 -22.71
CA VAL B 254 9.66 -5.69 -21.78
C VAL B 254 10.29 -4.84 -20.70
N VAL B 255 9.71 -3.67 -20.50
CA VAL B 255 10.12 -2.72 -19.49
C VAL B 255 9.02 -2.75 -18.44
N CYS B 256 9.40 -2.48 -17.20
CA CYS B 256 8.46 -2.54 -16.08
C CYS B 256 8.87 -1.45 -15.10
N PHE B 257 8.03 -0.44 -14.93
CA PHE B 257 8.35 0.69 -14.09
C PHE B 257 7.82 0.45 -12.68
N ASP B 258 8.58 0.92 -11.69
CA ASP B 258 8.23 0.80 -10.29
C ASP B 258 7.66 2.13 -9.83
N LEU B 259 6.34 2.20 -9.71
CA LEU B 259 5.66 3.44 -9.35
C LEU B 259 5.81 3.78 -7.88
N ARG B 260 6.49 2.95 -7.08
CA ARG B 260 6.84 3.31 -5.72
C ARG B 260 8.10 4.18 -5.66
N LYS B 261 8.74 4.43 -6.80
CA LYS B 261 9.95 5.24 -6.80
C LYS B 261 9.84 6.40 -7.79
N ASP B 262 10.93 7.12 -8.05
CA ASP B 262 10.82 8.26 -8.94
C ASP B 262 10.53 7.81 -10.37
N VAL B 263 9.86 8.70 -11.11
CA VAL B 263 9.44 8.36 -12.47
C VAL B 263 10.64 7.85 -13.25
N GLY B 264 10.48 6.72 -13.92
CA GLY B 264 11.53 6.13 -14.71
C GLY B 264 12.31 5.01 -14.02
N THR B 265 12.25 4.92 -12.69
CA THR B 265 12.93 3.81 -12.03
C THR B 265 12.25 2.49 -12.38
N LEU B 266 13.06 1.51 -12.76
CA LEU B 266 12.57 0.20 -13.16
C LEU B 266 12.37 -0.69 -11.95
N ALA B 267 11.40 -1.61 -12.07
CA ALA B 267 11.23 -2.61 -11.02
C ALA B 267 12.32 -3.67 -11.08
N TYR B 268 12.93 -3.82 -12.26
CA TYR B 268 14.03 -4.74 -12.52
C TYR B 268 14.63 -4.38 -13.87
N PRO B 269 15.86 -4.79 -14.14
CA PRO B 269 16.48 -4.46 -15.44
C PRO B 269 15.62 -4.91 -16.61
N THR B 270 15.57 -4.05 -17.64
CA THR B 270 14.79 -4.35 -18.83
C THR B 270 15.16 -5.70 -19.41
N TYR B 271 14.15 -6.45 -19.82
CA TYR B 271 14.32 -7.84 -20.24
C TYR B 271 14.17 -7.94 -21.75
N THR B 272 15.13 -8.61 -22.40
CA THR B 272 15.05 -8.90 -23.83
C THR B 272 14.61 -10.35 -24.01
N ILE B 273 13.60 -10.56 -24.83
CA ILE B 273 13.09 -11.90 -25.12
C ILE B 273 14.00 -12.63 -26.11
N VAL B 281 7.77 -13.95 -33.85
CA VAL B 281 7.38 -14.45 -32.53
C VAL B 281 6.55 -13.41 -31.75
N THR B 282 5.29 -13.74 -31.52
CA THR B 282 4.35 -12.93 -30.75
C THR B 282 4.34 -13.37 -29.29
N TYR B 283 3.76 -12.54 -28.42
CA TYR B 283 3.68 -12.88 -27.00
C TYR B 283 2.65 -12.01 -26.30
N ASP B 284 2.33 -12.42 -25.08
CA ASP B 284 1.39 -11.71 -24.23
C ASP B 284 1.70 -12.01 -22.77
N ILE B 285 1.52 -11.01 -21.91
CA ILE B 285 1.77 -11.11 -20.48
C ILE B 285 0.44 -10.90 -19.76
N ASP B 286 0.19 -11.71 -18.74
CA ASP B 286 -1.06 -11.66 -18.00
C ASP B 286 -1.13 -10.39 -17.15
N ASP B 287 -2.27 -10.18 -16.52
CA ASP B 287 -2.45 -8.95 -15.78
C ASP B 287 -1.70 -8.90 -14.45
N SER B 288 -1.12 -10.02 -14.02
CA SER B 288 -0.24 -9.95 -12.85
C SER B 288 1.14 -9.44 -13.23
N GLY B 289 1.49 -9.42 -14.51
CA GLY B 289 2.81 -8.98 -14.91
C GLY B 289 3.90 -10.02 -14.69
N LYS B 290 3.53 -11.25 -14.36
CA LYS B 290 4.50 -12.24 -13.90
C LYS B 290 4.46 -13.56 -14.66
N ASN B 291 3.53 -13.72 -15.61
CA ASN B 291 3.47 -14.89 -16.49
C ASN B 291 3.40 -14.42 -17.94
N MET B 292 4.13 -15.10 -18.82
CA MET B 292 4.16 -14.73 -20.23
C MET B 292 4.06 -15.98 -21.10
N ILE B 293 3.35 -15.84 -22.21
CA ILE B 293 3.25 -16.89 -23.22
C ILE B 293 3.74 -16.29 -24.54
N ALA B 294 4.61 -17.03 -25.24
CA ALA B 294 5.22 -16.59 -26.49
C ALA B 294 5.07 -17.68 -27.55
N TYR B 295 4.47 -17.32 -28.69
CA TYR B 295 4.19 -18.23 -29.79
C TYR B 295 5.11 -17.95 -30.97
N SER B 296 5.56 -19.01 -31.63
CA SER B 296 6.53 -18.91 -32.71
C SER B 296 5.98 -19.58 -33.97
N ASN B 297 5.74 -18.79 -35.02
CA ASN B 297 5.38 -19.36 -36.30
C ASN B 297 6.50 -20.26 -36.81
N GLU B 298 7.75 -19.88 -36.54
CA GLU B 298 8.91 -20.65 -36.96
C GLU B 298 8.91 -22.06 -36.39
N SER B 299 8.17 -22.31 -35.32
CA SER B 299 8.17 -23.63 -34.71
C SER B 299 6.78 -24.13 -34.30
N ASN B 300 5.72 -23.34 -34.49
CA ASN B 300 4.35 -23.78 -34.22
C ASN B 300 4.17 -24.22 -32.77
N SER B 301 4.77 -23.47 -31.84
CA SER B 301 4.79 -23.87 -30.44
C SER B 301 4.51 -22.68 -29.54
N LEU B 302 4.39 -22.96 -28.24
CA LEU B 302 4.04 -21.97 -27.23
C LEU B 302 5.05 -22.09 -26.09
N THR B 303 5.87 -21.05 -25.92
CA THR B 303 6.85 -21.01 -24.86
C THR B 303 6.31 -20.22 -23.67
N ILE B 304 6.61 -20.68 -22.46
CA ILE B 304 6.09 -20.10 -21.22
C ILE B 304 7.25 -19.55 -20.40
N TYR B 305 7.09 -18.33 -19.89
CA TYR B 305 8.07 -17.69 -19.04
C TYR B 305 7.39 -17.19 -17.77
N LYS B 306 8.13 -17.25 -16.65
CA LYS B 306 7.67 -16.77 -15.37
C LYS B 306 8.68 -15.78 -14.81
N PHE B 307 8.18 -14.83 -14.05
CA PHE B 307 9.06 -13.89 -13.35
C PHE B 307 9.33 -14.41 -11.95
N ASP B 308 10.61 -14.44 -11.59
CA ASP B 308 11.03 -14.84 -10.24
C ASP B 308 11.64 -13.67 -9.48
N THR B 311 14.68 -14.04 -7.59
CA THR B 311 15.81 -13.56 -8.38
C THR B 311 15.47 -12.30 -9.17
N LYS B 312 14.20 -11.90 -9.12
CA LYS B 312 13.65 -10.81 -9.92
C LYS B 312 14.10 -10.89 -11.38
N ASN B 313 13.85 -12.04 -11.99
CA ASN B 313 14.21 -12.21 -13.38
C ASN B 313 13.24 -13.17 -14.07
N TRP B 314 13.02 -12.91 -15.35
CA TRP B 314 12.20 -13.77 -16.20
C TRP B 314 12.96 -15.05 -16.57
N THR B 315 12.40 -16.21 -16.27
CA THR B 315 12.96 -17.46 -16.75
C THR B 315 11.94 -18.27 -17.54
N LYS B 316 12.45 -19.01 -18.52
CA LYS B 316 11.65 -19.94 -19.30
C LYS B 316 11.24 -21.13 -18.43
N ASP B 317 10.02 -21.62 -18.65
CA ASP B 317 9.51 -22.82 -17.98
C ASP B 317 9.96 -24.04 -18.77
N GLU B 318 10.97 -24.73 -18.26
CA GLU B 318 11.57 -25.84 -18.99
C GLU B 318 10.74 -27.12 -18.93
N GLU B 319 10.03 -27.34 -17.82
CA GLU B 319 9.25 -28.57 -17.63
C GLU B 319 7.95 -28.58 -18.41
N SER B 320 7.72 -27.60 -19.30
CA SER B 320 6.51 -27.52 -20.09
C SER B 320 6.87 -27.58 -21.57
N ALA B 321 6.02 -28.28 -22.33
CA ALA B 321 6.19 -28.38 -23.78
C ALA B 321 4.82 -28.38 -24.44
N LEU B 322 4.58 -27.40 -25.32
CA LEU B 322 3.28 -27.24 -25.97
C LEU B 322 3.53 -26.91 -27.43
N CYS B 323 3.28 -27.86 -28.32
CA CYS B 323 3.45 -27.68 -29.76
C CYS B 323 2.13 -27.99 -30.46
N LEU B 324 1.67 -27.07 -31.31
CA LEU B 324 0.48 -27.30 -32.10
C LEU B 324 0.76 -28.37 -33.17
N GLN B 325 -0.24 -28.64 -34.00
CA GLN B 325 -0.10 -29.64 -35.06
C GLN B 325 -0.71 -29.20 -36.39
N ASP B 327 -1.53 -26.95 -38.99
CA ASP B 327 -1.91 -25.57 -39.26
C ASP B 327 -2.35 -25.37 -40.70
N ALA B 329 -2.22 -21.87 -39.84
CA ALA B 329 -2.12 -20.55 -40.43
C ALA B 329 -1.01 -19.75 -39.75
N ASP B 330 -0.71 -18.57 -40.29
CA ASP B 330 0.30 -17.68 -39.74
C ASP B 330 -0.40 -16.67 -38.84
N PHE B 331 -0.10 -16.72 -37.55
CA PHE B 331 -0.73 -15.84 -36.58
C PHE B 331 0.11 -14.58 -36.39
N THR B 332 -0.59 -13.48 -36.11
CA THR B 332 0.04 -12.18 -36.00
C THR B 332 -0.08 -11.54 -34.61
N ASP B 333 -0.84 -12.14 -33.70
CA ASP B 333 -1.19 -11.48 -32.45
C ASP B 333 -1.85 -12.51 -31.54
N MET B 334 -1.67 -12.34 -30.23
CA MET B 334 -2.24 -13.27 -29.27
C MET B 334 -2.62 -12.57 -27.97
N ASP B 335 -3.71 -13.03 -27.38
CA ASP B 335 -4.13 -12.68 -26.03
C ASP B 335 -4.14 -13.95 -25.18
N VAL B 336 -3.90 -13.79 -23.89
CA VAL B 336 -4.05 -14.88 -22.95
C VAL B 336 -5.20 -14.55 -22.01
N VAL B 337 -5.95 -15.58 -21.62
CA VAL B 337 -6.86 -15.55 -20.48
C VAL B 337 -6.39 -16.61 -19.51
N CYS B 338 -6.61 -16.37 -18.22
CA CYS B 338 -6.23 -17.34 -17.19
C CYS B 338 -7.23 -17.34 -16.05
N GLY B 339 -8.52 -17.41 -16.38
CA GLY B 339 -9.55 -17.59 -15.38
C GLY B 339 -9.49 -19.01 -14.81
N ASP B 340 -10.32 -19.25 -13.78
CA ASP B 340 -10.27 -20.53 -13.06
C ASP B 340 -10.74 -21.70 -13.91
N GLY B 341 -11.58 -21.47 -14.92
CA GLY B 341 -11.95 -22.56 -15.80
C GLY B 341 -10.77 -23.22 -16.48
N GLY B 342 -9.74 -22.45 -16.78
CA GLY B 342 -8.54 -22.95 -17.42
C GLY B 342 -7.92 -21.94 -18.38
N ILE B 343 -6.59 -22.05 -18.54
CA ILE B 343 -5.79 -21.08 -19.30
C ILE B 343 -5.95 -21.31 -20.80
N ALA B 344 -6.21 -20.23 -21.54
CA ALA B 344 -6.42 -20.30 -22.98
C ALA B 344 -5.68 -19.17 -23.70
N ALA B 345 -5.05 -19.50 -24.83
CA ALA B 345 -4.45 -18.55 -25.73
C ALA B 345 -5.36 -18.30 -26.93
N ILE B 346 -5.37 -17.06 -27.41
CA ILE B 346 -6.27 -16.62 -28.47
C ILE B 346 -5.39 -16.15 -29.62
N LEU B 347 -5.07 -17.06 -30.54
CA LEU B 347 -4.15 -16.76 -31.62
C LEU B 347 -4.93 -16.14 -32.76
N LYS B 348 -4.52 -14.93 -33.15
CA LYS B 348 -5.24 -14.13 -34.13
C LYS B 348 -4.44 -14.06 -35.42
N THR B 349 -5.12 -14.24 -36.54
CA THR B 349 -4.58 -13.88 -37.83
C THR B 349 -5.03 -12.46 -38.17
N ASN B 350 -4.83 -12.05 -39.42
CA ASN B 350 -5.34 -10.76 -39.86
C ASN B 350 -6.85 -10.77 -40.05
N ASP B 351 -7.48 -11.95 -40.11
CA ASP B 351 -8.93 -12.01 -40.29
C ASP B 351 -9.61 -13.15 -39.54
N SER B 352 -8.89 -13.92 -38.74
CA SER B 352 -9.49 -15.03 -38.00
C SER B 352 -8.72 -15.24 -36.71
N PHE B 353 -9.36 -15.95 -35.79
CA PHE B 353 -8.74 -16.29 -34.53
C PHE B 353 -8.94 -17.78 -34.24
N ASN B 354 -7.99 -18.34 -33.51
CA ASN B 354 -8.09 -19.71 -33.01
C ASN B 354 -7.94 -19.69 -31.50
N ILE B 355 -8.91 -20.26 -30.79
CA ILE B 355 -8.83 -20.41 -29.34
C ILE B 355 -8.18 -21.75 -29.02
N VAL B 356 -7.23 -21.74 -28.09
CA VAL B 356 -6.42 -22.92 -27.79
C VAL B 356 -6.45 -23.13 -26.28
N ALA B 357 -7.08 -24.21 -25.84
CA ALA B 357 -7.12 -24.55 -24.41
C ALA B 357 -5.79 -25.16 -23.98
N LEU B 358 -5.27 -24.70 -22.85
CA LEU B 358 -4.05 -25.23 -22.28
C LEU B 358 -4.40 -25.96 -20.98
N THR B 359 -3.70 -27.07 -20.72
CA THR B 359 -4.02 -27.92 -19.59
C THR B 359 -2.76 -28.57 -19.07
N PRO B 360 -2.72 -28.98 -17.78
CA PRO B 360 -1.54 -29.70 -17.34
C PRO B 360 -1.49 -31.10 -17.94
#